data_6EJA
#
_entry.id   6EJA
#
_cell.length_a   66.560
_cell.length_b   85.960
_cell.length_c   151.220
_cell.angle_alpha   90.000
_cell.angle_beta   90.000
_cell.angle_gamma   90.000
#
_symmetry.space_group_name_H-M   'P 21 21 21'
#
loop_
_entity.id
_entity.type
_entity.pdbx_description
1 polymer 'Xylosyltransferase 1'
2 polymer 'Protein AMBP'
3 non-polymer 'SODIUM ION'
4 water water
#
loop_
_entity_poly.entity_id
_entity_poly.type
_entity_poly.pdbx_seq_one_letter_code
_entity_poly.pdbx_strand_id
1 'polypeptide(L)'
;APLVHHHHHHALDENLYFQGALADVSRPPHARKTGGSSPETKYDQPPKCDISGKEAISALSRAKSKHCRQEIGETYCRHK
LGLLMPEKVTRFCPLEGKANKNVQWDEDSVEYMPANPVRIAFVLVVHGRASRQLQRMFKAIYHKDHFYYIHVDKRSNYLH
RQVLQVSRQYSNVRVTPWRMATIWGGASLLSTYLQSMRDLLEMTDWPWDFFINLSAADYPIRTNDQLVAFLSRYRDMNFL
KSHGRDNARFIRKQGLDRLFLECDAHMWRLGDRRIPEGIAVDGGSDWFLLNRRFVEYVTFSTDDLVTKMKQFYSYTLLPA
ESFFHTVLENSPHCDTMVDNNLRITNWNRKLGCKCQYKHIVDWCGCSPNDFKPQDFHRFQQTARPTFFARKFEAVVNQEI
IGQLDYYLYGNYPAGTPGLRSYWENVYDEPDGIHSLSDVTLTLYHSFARLGLRRAETSLHTDGENSCRYYPMGHPASVHL
YFLADRFQGFLIKHHATNLAVSKLETLETWVMPKKVFKIASPPSDFGRLQFSEVGTDWDAKERLFRNFGGLLGPMDEPVG
MQKWGKGPNVTVTVIWVDPVNVIAATYDILIESTAEFTHYKPPLNLPLRPGVWTVKILHHWVPVAETKFLVAPLTFSNRQ
PIKPEEALKLHNGPLRNAYMEQSFQSLNPVLSLPINPAQVEQARRNAASTGTALEGWLDSLVGGMWTAMDICATGPTACP
VMQTCSQTAWSSFSPDPKSELGAVKPDGRLR
;
A
2 'polypeptide(L)' QEEEYSGGGQGG B
#
loop_
_chem_comp.id
_chem_comp.type
_chem_comp.name
_chem_comp.formula
NA non-polymer 'SODIUM ION' 'Na 1'
#
# COMPACT_ATOMS: atom_id res chain seq x y z
N GLN A 45 -18.15 -5.37 33.79
CA GLN A 45 -16.94 -5.07 34.54
C GLN A 45 -16.68 -3.57 34.58
N PRO A 46 -17.41 -2.84 35.43
CA PRO A 46 -17.30 -1.37 35.44
C PRO A 46 -15.87 -0.92 35.67
N PRO A 47 -15.54 0.31 35.28
CA PRO A 47 -14.15 0.76 35.35
C PRO A 47 -13.71 0.96 36.80
N LYS A 48 -12.42 1.25 36.96
CA LYS A 48 -11.88 1.53 38.30
C LYS A 48 -12.25 2.92 38.80
N CYS A 49 -12.58 3.84 37.91
CA CYS A 49 -12.98 5.19 38.28
C CYS A 49 -14.09 5.66 37.35
N ASP A 50 -14.84 6.67 37.78
CA ASP A 50 -15.81 7.29 36.89
C ASP A 50 -15.09 7.80 35.65
N ILE A 51 -15.60 7.43 34.47
CA ILE A 51 -15.05 7.87 33.19
C ILE A 51 -16.00 8.91 32.62
N SER A 52 -15.57 10.17 32.63
CA SER A 52 -16.39 11.29 32.19
C SER A 52 -15.87 11.98 30.94
N GLY A 53 -14.62 11.74 30.55
CA GLY A 53 -14.06 12.45 29.41
C GLY A 53 -14.75 12.06 28.11
N LYS A 54 -15.21 13.06 27.36
CA LYS A 54 -15.89 12.80 26.10
C LYS A 54 -15.06 11.94 25.16
N GLU A 55 -13.75 12.16 25.10
CA GLU A 55 -12.93 11.36 24.19
C GLU A 55 -12.85 9.91 24.66
N ALA A 56 -12.66 9.68 25.95
CA ALA A 56 -12.60 8.30 26.46
C ALA A 56 -13.93 7.58 26.23
N ILE A 57 -15.04 8.28 26.50
CA ILE A 57 -16.35 7.67 26.28
C ILE A 57 -16.53 7.32 24.81
N SER A 58 -16.06 8.18 23.91
CA SER A 58 -16.15 7.89 22.49
C SER A 58 -15.32 6.67 22.11
N ALA A 59 -14.10 6.57 22.66
CA ALA A 59 -13.27 5.40 22.37
C ALA A 59 -13.90 4.12 22.91
N LEU A 60 -14.46 4.17 24.12
CA LEU A 60 -15.08 2.97 24.68
C LEU A 60 -16.30 2.53 23.89
N SER A 61 -17.04 3.49 23.30
CA SER A 61 -18.20 3.15 22.51
C SER A 61 -17.85 2.65 21.11
N ARG A 62 -16.63 2.91 20.63
CA ARG A 62 -16.20 2.47 19.31
C ARG A 62 -15.31 1.24 19.34
N ALA A 63 -14.70 0.93 20.50
CA ALA A 63 -13.76 -0.17 20.56
C ALA A 63 -14.49 -1.50 20.38
N LYS A 64 -13.84 -2.44 19.70
CA LYS A 64 -14.49 -3.68 19.31
C LYS A 64 -14.39 -4.78 20.36
N SER A 65 -13.30 -4.84 21.13
CA SER A 65 -13.06 -5.97 22.02
C SER A 65 -13.10 -5.54 23.48
N LYS A 66 -13.35 -6.53 24.34
CA LYS A 66 -13.35 -6.29 25.79
C LYS A 66 -11.97 -5.90 26.28
N HIS A 67 -10.94 -6.63 25.85
CA HIS A 67 -9.57 -6.31 26.25
C HIS A 67 -9.26 -4.84 25.99
N CYS A 68 -9.64 -4.35 24.81
CA CYS A 68 -9.42 -2.94 24.46
C CYS A 68 -10.15 -2.01 25.42
N ARG A 69 -11.44 -2.24 25.61
CA ARG A 69 -12.20 -1.40 26.53
C ARG A 69 -11.56 -1.41 27.91
N GLN A 70 -11.10 -2.57 28.37
CA GLN A 70 -10.41 -2.65 29.64
C GLN A 70 -9.19 -1.72 29.65
N GLU A 71 -8.30 -1.89 28.65
CA GLU A 71 -7.08 -1.08 28.63
C GLU A 71 -7.41 0.40 28.48
N ILE A 72 -8.44 0.73 27.70
CA ILE A 72 -8.89 2.12 27.61
C ILE A 72 -9.26 2.64 29.00
N GLY A 73 -10.09 1.88 29.71
CA GLY A 73 -10.51 2.33 31.04
C GLY A 73 -9.34 2.46 32.00
N GLU A 74 -8.43 1.48 32.00
CA GLU A 74 -7.27 1.53 32.87
C GLU A 74 -6.42 2.76 32.59
N THR A 75 -6.10 2.99 31.31
CA THR A 75 -5.24 4.12 30.95
C THR A 75 -5.87 5.43 31.38
N TYR A 76 -7.16 5.61 31.11
CA TYR A 76 -7.83 6.86 31.45
C TYR A 76 -7.82 7.09 32.97
N CYS A 77 -8.09 6.03 33.75
CA CYS A 77 -8.17 6.21 35.20
C CYS A 77 -6.79 6.43 35.81
N ARG A 78 -5.77 5.75 35.28
CA ARG A 78 -4.40 6.01 35.70
C ARG A 78 -4.05 7.47 35.49
N HIS A 79 -4.34 8.00 34.29
CA HIS A 79 -4.01 9.38 33.99
C HIS A 79 -4.84 10.34 34.83
N LYS A 80 -6.09 9.99 35.12
CA LYS A 80 -6.93 10.85 35.95
C LYS A 80 -6.35 10.98 37.35
N LEU A 81 -5.77 9.91 37.88
CA LEU A 81 -5.12 9.98 39.18
C LEU A 81 -3.74 10.60 39.12
N GLY A 82 -3.28 11.01 37.94
CA GLY A 82 -1.98 11.62 37.81
C GLY A 82 -0.82 10.68 38.01
N LEU A 83 -0.99 9.39 37.72
CA LEU A 83 0.06 8.40 37.92
C LEU A 83 0.55 7.78 36.62
N LEU A 84 0.13 8.28 35.47
CA LEU A 84 0.54 7.71 34.19
C LEU A 84 1.63 8.52 33.50
N MET A 85 1.52 9.85 33.50
CA MET A 85 2.39 10.71 32.71
C MET A 85 3.36 11.48 33.61
N PRO A 86 4.63 11.60 33.23
CA PRO A 86 5.55 12.40 34.04
C PRO A 86 5.22 13.88 33.91
N GLU A 87 5.38 14.61 35.01
CA GLU A 87 5.04 16.03 35.04
C GLU A 87 6.25 16.94 34.96
N LYS A 88 7.42 16.50 35.42
CA LYS A 88 8.65 17.25 35.24
C LYS A 88 9.78 16.28 34.94
N VAL A 89 10.71 16.72 34.09
CA VAL A 89 11.80 15.87 33.62
C VAL A 89 13.10 16.66 33.76
N THR A 90 14.16 15.96 34.14
CA THR A 90 15.49 16.55 34.22
C THR A 90 16.09 16.70 32.82
N ARG A 91 16.69 17.86 32.57
CA ARG A 91 17.45 18.12 31.37
C ARG A 91 18.94 18.03 31.71
N PHE A 92 19.67 17.20 30.97
CA PHE A 92 21.10 17.01 31.22
C PHE A 92 21.99 17.78 30.25
N CYS A 93 21.42 18.37 29.22
CA CYS A 93 22.22 19.09 28.23
C CYS A 93 22.76 20.38 28.84
N PRO A 94 24.05 20.70 28.65
CA PRO A 94 24.58 21.96 29.17
C PRO A 94 24.42 23.14 28.23
N LEU A 95 23.97 22.92 27.00
CA LEU A 95 23.72 24.01 26.07
C LEU A 95 22.48 24.80 26.51
N GLU A 96 22.51 26.11 26.24
CA GLU A 96 21.35 26.95 26.54
C GLU A 96 20.15 26.52 25.72
N GLY A 97 20.36 26.20 24.45
CA GLY A 97 19.28 25.77 23.58
C GLY A 97 19.65 24.55 22.75
N LYS A 98 19.51 24.66 21.43
CA LYS A 98 19.85 23.58 20.52
C LYS A 98 21.21 23.82 19.90
N ALA A 99 21.83 22.73 19.43
CA ALA A 99 23.19 22.80 18.89
C ALA A 99 23.19 23.28 17.45
N ASN A 100 22.72 22.44 16.54
CA ASN A 100 22.72 22.75 15.10
C ASN A 100 24.16 22.86 14.58
N LYS A 101 24.78 21.70 14.45
CA LYS A 101 26.15 21.59 13.96
C LYS A 101 26.16 21.54 12.44
N ASN A 102 27.35 21.74 11.86
CA ASN A 102 27.50 21.75 10.41
C ASN A 102 28.40 20.61 9.95
N SER A 109 33.91 16.04 -0.58
CA SER A 109 33.70 15.63 0.80
C SER A 109 33.37 14.15 0.90
N VAL A 110 32.62 13.64 -0.08
CA VAL A 110 32.27 12.23 -0.15
C VAL A 110 33.12 11.48 -1.16
N GLU A 111 34.21 12.08 -1.62
CA GLU A 111 35.04 11.51 -2.68
C GLU A 111 36.17 10.65 -2.15
N TYR A 112 36.62 10.90 -0.93
CA TYR A 112 37.81 10.26 -0.40
C TYR A 112 37.52 8.82 -0.01
N MET A 113 38.61 8.09 0.29
CA MET A 113 38.54 6.70 0.73
C MET A 113 38.93 6.60 2.20
N PRO A 114 38.03 6.22 3.10
CA PRO A 114 38.38 6.19 4.52
C PRO A 114 39.17 4.95 4.90
N ALA A 115 40.13 5.15 5.80
CA ALA A 115 40.92 4.03 6.32
C ALA A 115 40.11 3.17 7.29
N ASN A 116 39.17 3.76 8.03
CA ASN A 116 38.37 3.03 9.01
C ASN A 116 36.89 3.25 8.71
N PRO A 117 36.38 2.59 7.66
CA PRO A 117 35.01 2.88 7.21
C PRO A 117 33.97 2.36 8.18
N VAL A 118 32.88 3.13 8.33
CA VAL A 118 31.80 2.71 9.22
C VAL A 118 31.09 1.49 8.64
N ARG A 119 30.59 0.66 9.54
CA ARG A 119 29.72 -0.44 9.20
C ARG A 119 28.33 -0.12 9.72
N ILE A 120 27.32 -0.23 8.85
CA ILE A 120 26.01 0.33 9.10
C ILE A 120 25.02 -0.79 9.39
N ALA A 121 24.18 -0.58 10.40
CA ALA A 121 23.06 -1.46 10.67
C ALA A 121 21.82 -0.82 10.05
N PHE A 122 21.33 -1.41 8.97
CA PHE A 122 20.09 -0.98 8.34
C PHE A 122 18.95 -1.74 9.00
N VAL A 123 17.98 -1.00 9.52
CA VAL A 123 16.75 -1.59 10.06
C VAL A 123 15.66 -1.26 9.07
N LEU A 124 15.16 -2.29 8.40
CA LEU A 124 14.13 -2.12 7.38
C LEU A 124 12.79 -2.45 8.03
N VAL A 125 11.88 -1.48 8.02
CA VAL A 125 10.53 -1.65 8.55
C VAL A 125 9.59 -1.65 7.36
N VAL A 126 9.06 -2.83 7.02
CA VAL A 126 8.43 -3.03 5.73
C VAL A 126 7.05 -3.64 5.92
N HIS A 127 6.16 -3.35 4.97
CA HIS A 127 4.83 -3.95 4.96
C HIS A 127 4.34 -3.96 3.51
N GLY A 128 3.26 -4.70 3.27
CA GLY A 128 2.61 -4.71 1.97
C GLY A 128 3.01 -5.87 1.10
N ARG A 129 2.82 -5.69 -0.21
CA ARG A 129 3.01 -6.75 -1.19
C ARG A 129 4.25 -6.57 -2.09
N ALA A 130 4.95 -5.43 -2.01
CA ALA A 130 5.92 -5.06 -3.04
C ALA A 130 7.30 -5.71 -2.82
N SER A 131 7.28 -7.04 -2.75
CA SER A 131 8.50 -7.79 -2.43
C SER A 131 9.58 -7.57 -3.49
N ARG A 132 9.21 -7.53 -4.77
CA ARG A 132 10.24 -7.38 -5.80
C ARG A 132 10.87 -5.99 -5.74
N GLN A 133 10.09 -4.96 -5.41
CA GLN A 133 10.70 -3.64 -5.26
C GLN A 133 11.60 -3.59 -4.03
N LEU A 134 11.18 -4.22 -2.93
CA LEU A 134 12.05 -4.33 -1.77
C LEU A 134 13.37 -5.00 -2.14
N GLN A 135 13.30 -6.10 -2.89
CA GLN A 135 14.51 -6.81 -3.29
C GLN A 135 15.41 -5.92 -4.16
N ARG A 136 14.80 -5.13 -5.04
CA ARG A 136 15.56 -4.21 -5.87
C ARG A 136 16.29 -3.17 -5.02
N MET A 137 15.60 -2.60 -4.03
CA MET A 137 16.22 -1.60 -3.17
C MET A 137 17.27 -2.24 -2.28
N PHE A 138 17.01 -3.45 -1.78
CA PHE A 138 18.00 -4.16 -0.98
C PHE A 138 19.26 -4.42 -1.79
N LYS A 139 19.10 -4.72 -3.09
CA LYS A 139 20.25 -4.93 -3.96
C LYS A 139 21.09 -3.66 -4.09
N ALA A 140 20.44 -2.51 -4.18
CA ALA A 140 21.15 -1.24 -4.31
C ALA A 140 21.93 -0.89 -3.03
N ILE A 141 21.37 -1.17 -1.84
CA ILE A 141 22.03 -0.76 -0.60
C ILE A 141 22.92 -1.85 0.01
N TYR A 142 22.92 -3.06 -0.53
CA TYR A 142 23.67 -4.14 0.09
C TYR A 142 25.18 -3.96 -0.05
N HIS A 143 25.90 -4.17 1.05
CA HIS A 143 27.34 -4.42 1.02
C HIS A 143 27.65 -5.46 2.10
N LYS A 144 28.63 -6.32 1.81
CA LYS A 144 28.94 -7.43 2.72
C LYS A 144 29.37 -6.98 4.11
N ASP A 145 29.82 -5.73 4.27
CA ASP A 145 30.32 -5.24 5.55
C ASP A 145 29.27 -4.53 6.39
N HIS A 146 28.06 -4.33 5.86
CA HIS A 146 26.98 -3.77 6.64
C HIS A 146 26.13 -4.89 7.22
N PHE A 147 25.02 -4.53 7.87
CA PHE A 147 24.12 -5.49 8.49
C PHE A 147 22.69 -5.04 8.23
N TYR A 148 21.80 -6.02 8.07
CA TYR A 148 20.42 -5.75 7.67
C TYR A 148 19.51 -6.52 8.61
N TYR A 149 18.66 -5.78 9.34
CA TYR A 149 17.70 -6.34 10.29
C TYR A 149 16.32 -5.90 9.85
N ILE A 150 15.48 -6.87 9.49
CA ILE A 150 14.25 -6.59 8.74
C ILE A 150 13.06 -6.92 9.60
N HIS A 151 12.24 -5.90 9.86
CA HIS A 151 10.98 -6.08 10.56
C HIS A 151 9.85 -6.08 9.54
N VAL A 152 9.12 -7.18 9.47
CA VAL A 152 7.97 -7.29 8.58
C VAL A 152 6.70 -7.22 9.42
N ASP A 153 5.85 -6.25 9.09
CA ASP A 153 4.55 -6.08 9.72
C ASP A 153 3.84 -7.42 9.90
N LYS A 154 3.28 -7.63 11.11
CA LYS A 154 2.67 -8.91 11.42
C LYS A 154 1.58 -9.28 10.42
N ARG A 155 0.96 -8.28 9.80
CA ARG A 155 -0.14 -8.51 8.88
C ARG A 155 0.31 -8.84 7.46
N SER A 156 1.62 -8.83 7.19
CA SER A 156 2.15 -9.00 5.84
C SER A 156 2.92 -10.32 5.76
N ASN A 157 2.17 -11.42 5.77
CA ASN A 157 2.80 -12.74 5.83
C ASN A 157 3.44 -13.12 4.51
N TYR A 158 2.83 -12.73 3.38
CA TYR A 158 3.45 -12.99 2.09
C TYR A 158 4.84 -12.34 2.05
N LEU A 159 4.92 -11.05 2.35
CA LEU A 159 6.20 -10.35 2.31
C LEU A 159 7.20 -10.98 3.27
N HIS A 160 6.72 -11.46 4.42
CA HIS A 160 7.62 -12.07 5.39
C HIS A 160 8.25 -13.34 4.84
N ARG A 161 7.46 -14.20 4.19
CA ARG A 161 8.01 -15.39 3.58
C ARG A 161 9.09 -15.04 2.54
N GLN A 162 8.87 -13.97 1.78
CA GLN A 162 9.87 -13.56 0.79
C GLN A 162 11.13 -13.03 1.46
N VAL A 163 10.96 -12.30 2.56
CA VAL A 163 12.10 -11.76 3.29
C VAL A 163 12.92 -12.89 3.90
N LEU A 164 12.26 -13.96 4.36
CA LEU A 164 12.99 -15.09 4.94
C LEU A 164 13.95 -15.71 3.93
N GLN A 165 13.54 -15.77 2.65
CA GLN A 165 14.43 -16.32 1.64
C GLN A 165 15.69 -15.47 1.51
N VAL A 166 15.56 -14.16 1.67
CA VAL A 166 16.72 -13.28 1.63
C VAL A 166 17.62 -13.54 2.84
N SER A 167 17.04 -13.59 4.04
CA SER A 167 17.85 -13.75 5.24
C SER A 167 18.53 -15.11 5.29
N ARG A 168 17.92 -16.12 4.68
CA ARG A 168 18.55 -17.43 4.60
C ARG A 168 19.74 -17.44 3.65
N GLN A 169 19.82 -16.47 2.73
CA GLN A 169 20.89 -16.44 1.74
C GLN A 169 22.15 -15.73 2.23
N TYR A 170 22.02 -14.78 3.17
CA TYR A 170 23.12 -13.89 3.51
C TYR A 170 23.32 -13.86 5.01
N SER A 171 24.58 -14.01 5.44
CA SER A 171 24.89 -14.10 6.86
C SER A 171 24.72 -12.76 7.58
N ASN A 172 24.84 -11.64 6.87
CA ASN A 172 24.65 -10.32 7.47
C ASN A 172 23.22 -9.81 7.30
N VAL A 173 22.24 -10.70 7.12
CA VAL A 173 20.83 -10.34 7.04
C VAL A 173 20.07 -11.18 8.04
N ARG A 174 19.27 -10.54 8.89
CA ARG A 174 18.44 -11.23 9.85
C ARG A 174 17.06 -10.59 9.86
N VAL A 175 16.06 -11.37 10.30
CA VAL A 175 14.68 -10.92 10.42
C VAL A 175 14.33 -10.87 11.90
N THR A 176 13.59 -9.83 12.29
CA THR A 176 13.10 -9.78 13.67
C THR A 176 12.21 -10.99 13.91
N PRO A 177 12.44 -11.78 14.96
CA PRO A 177 11.52 -12.88 15.24
C PRO A 177 10.18 -12.39 15.75
N TRP A 178 10.18 -11.27 16.48
CA TRP A 178 8.95 -10.60 16.87
C TRP A 178 8.49 -9.69 15.73
N ARG A 179 7.18 -9.50 15.62
CA ARG A 179 6.61 -8.70 14.55
C ARG A 179 5.38 -7.98 15.09
N MET A 180 5.36 -6.66 14.95
CA MET A 180 4.24 -5.85 15.39
C MET A 180 3.37 -5.46 14.20
N ALA A 181 2.12 -5.13 14.49
CA ALA A 181 1.23 -4.51 13.50
C ALA A 181 1.45 -3.00 13.57
N THR A 182 2.35 -2.49 12.72
CA THR A 182 2.80 -1.11 12.81
C THR A 182 1.88 -0.23 11.97
N ILE A 183 0.73 0.08 12.55
CA ILE A 183 -0.24 0.96 11.89
C ILE A 183 0.31 2.38 11.80
N TRP A 184 -0.25 3.15 10.87
CA TRP A 184 0.17 4.53 10.70
C TRP A 184 0.00 5.32 12.00
N GLY A 185 1.05 6.04 12.38
CA GLY A 185 1.03 6.84 13.58
C GLY A 185 1.02 6.06 14.88
N GLY A 186 1.07 4.74 14.82
CA GLY A 186 0.92 3.95 16.02
C GLY A 186 2.09 4.10 16.97
N ALA A 187 1.78 4.01 18.27
CA ALA A 187 2.84 3.97 19.26
C ALA A 187 3.76 2.78 19.06
N SER A 188 3.27 1.72 18.40
CA SER A 188 4.09 0.51 18.22
C SER A 188 5.31 0.75 17.34
N LEU A 189 5.35 1.81 16.53
CA LEU A 189 6.53 2.02 15.70
C LEU A 189 7.74 2.38 16.55
N LEU A 190 7.57 3.21 17.58
CA LEU A 190 8.69 3.47 18.47
C LEU A 190 9.09 2.21 19.23
N SER A 191 8.09 1.45 19.70
CA SER A 191 8.40 0.16 20.33
C SER A 191 9.23 -0.71 19.40
N THR A 192 8.93 -0.68 18.10
CA THR A 192 9.67 -1.49 17.14
C THR A 192 11.11 -1.03 17.01
N TYR A 193 11.34 0.28 16.91
CA TYR A 193 12.71 0.79 16.83
C TYR A 193 13.48 0.49 18.10
N LEU A 194 12.87 0.72 19.26
CA LEU A 194 13.59 0.54 20.52
C LEU A 194 13.97 -0.92 20.72
N GLN A 195 13.08 -1.84 20.38
CA GLN A 195 13.43 -3.26 20.51
C GLN A 195 14.52 -3.64 19.52
N SER A 196 14.43 -3.14 18.29
CA SER A 196 15.45 -3.46 17.29
C SER A 196 16.81 -2.90 17.68
N MET A 197 16.84 -1.75 18.36
CA MET A 197 18.10 -1.21 18.86
C MET A 197 18.69 -2.08 19.95
N ARG A 198 17.84 -2.53 20.88
CA ARG A 198 18.31 -3.45 21.92
C ARG A 198 18.84 -4.74 21.30
N ASP A 199 18.05 -5.35 20.41
CA ASP A 199 18.49 -6.57 19.73
C ASP A 199 19.86 -6.34 19.08
N LEU A 200 20.01 -5.25 18.34
CA LEU A 200 21.24 -5.01 17.59
C LEU A 200 22.44 -4.74 18.50
N LEU A 201 22.22 -4.10 19.65
CA LEU A 201 23.34 -3.90 20.57
C LEU A 201 23.77 -5.20 21.22
N GLU A 202 22.84 -6.16 21.38
CA GLU A 202 23.19 -7.44 21.99
C GLU A 202 23.84 -8.40 21.00
N MET A 203 23.66 -8.20 19.69
CA MET A 203 24.37 -8.98 18.69
C MET A 203 25.84 -8.55 18.62
N THR A 204 26.69 -9.18 19.41
CA THR A 204 28.08 -8.76 19.49
C THR A 204 28.84 -9.08 18.21
N ASP A 205 28.41 -10.10 17.46
CA ASP A 205 29.08 -10.44 16.20
C ASP A 205 28.84 -9.39 15.11
N TRP A 206 28.02 -8.36 15.36
CA TRP A 206 27.73 -7.32 14.38
C TRP A 206 28.26 -5.99 14.90
N PRO A 207 29.55 -5.65 14.65
CA PRO A 207 30.10 -4.38 15.16
C PRO A 207 29.71 -3.16 14.31
N TRP A 208 28.49 -2.68 14.49
CA TRP A 208 27.95 -1.59 13.68
C TRP A 208 28.17 -0.24 14.35
N ASP A 209 28.23 0.80 13.53
CA ASP A 209 28.55 2.15 13.98
C ASP A 209 27.40 3.14 13.84
N PHE A 210 26.50 2.92 12.88
CA PHE A 210 25.32 3.76 12.70
C PHE A 210 24.07 2.89 12.55
N PHE A 211 22.94 3.48 12.92
CA PHE A 211 21.61 2.91 12.78
C PHE A 211 20.85 3.75 11.75
N ILE A 212 20.38 3.10 10.68
CA ILE A 212 19.63 3.78 9.63
C ILE A 212 18.32 3.03 9.44
N ASN A 213 17.19 3.73 9.56
CA ASN A 213 15.89 3.10 9.31
C ASN A 213 15.43 3.38 7.88
N LEU A 214 14.88 2.35 7.23
CA LEU A 214 14.33 2.48 5.88
C LEU A 214 13.03 1.69 5.78
N SER A 215 12.13 2.18 4.92
CA SER A 215 10.92 1.48 4.55
C SER A 215 11.08 0.84 3.17
N ALA A 216 10.07 0.06 2.77
CA ALA A 216 10.08 -0.52 1.44
C ALA A 216 9.81 0.51 0.36
N ALA A 217 9.49 1.75 0.72
CA ALA A 217 9.27 2.81 -0.24
C ALA A 217 10.42 3.81 -0.29
N ASP A 218 11.53 3.51 0.38
CA ASP A 218 12.73 4.32 0.35
C ASP A 218 13.66 3.83 -0.76
N TYR A 219 14.52 4.73 -1.23
CA TYR A 219 15.55 4.33 -2.19
C TYR A 219 16.78 5.19 -1.97
N PRO A 220 17.97 4.64 -2.15
CA PRO A 220 19.18 5.48 -2.10
C PRO A 220 19.23 6.43 -3.27
N ILE A 221 19.80 7.62 -3.03
CA ILE A 221 20.07 8.58 -4.08
C ILE A 221 21.54 8.93 -4.16
N ARG A 222 22.39 8.19 -3.44
CA ARG A 222 23.82 8.22 -3.61
C ARG A 222 24.36 6.83 -3.37
N THR A 223 25.55 6.56 -3.90
CA THR A 223 26.16 5.24 -3.79
C THR A 223 26.54 4.90 -2.35
N ASN A 224 26.66 3.60 -2.09
CA ASN A 224 27.16 3.14 -0.80
C ASN A 224 28.52 3.75 -0.48
N ASP A 225 29.43 3.78 -1.46
CA ASP A 225 30.75 4.36 -1.21
C ASP A 225 30.64 5.77 -0.65
N GLN A 226 29.77 6.60 -1.24
CA GLN A 226 29.66 7.98 -0.79
C GLN A 226 29.00 8.07 0.58
N LEU A 227 28.04 7.20 0.85
CA LEU A 227 27.40 7.18 2.16
C LEU A 227 28.40 6.81 3.24
N VAL A 228 29.22 5.80 2.98
CA VAL A 228 30.20 5.36 3.97
C VAL A 228 31.27 6.44 4.17
N ALA A 229 31.72 7.07 3.09
CA ALA A 229 32.73 8.13 3.22
C ALA A 229 32.19 9.29 4.06
N PHE A 230 30.95 9.70 3.80
CA PHE A 230 30.37 10.79 4.57
C PHE A 230 30.24 10.42 6.05
N LEU A 231 29.60 9.30 6.35
CA LEU A 231 29.38 8.93 7.74
C LEU A 231 30.70 8.66 8.47
N SER A 232 31.72 8.18 7.76
CA SER A 232 33.01 7.92 8.40
C SER A 232 33.66 9.20 8.88
N ARG A 233 33.44 10.33 8.19
CA ARG A 233 33.99 11.61 8.63
C ARG A 233 33.19 12.20 9.79
N TYR A 234 31.92 11.86 9.92
CA TYR A 234 31.03 12.43 10.94
C TYR A 234 30.49 11.36 11.87
N ARG A 235 31.35 10.45 12.30
CA ARG A 235 30.85 9.25 12.95
C ARG A 235 30.35 9.51 14.36
N ASP A 236 30.66 10.66 14.95
CA ASP A 236 30.19 11.03 16.28
C ASP A 236 28.94 11.90 16.23
N MET A 237 28.33 12.08 15.07
CA MET A 237 27.16 12.94 14.92
C MET A 237 25.89 12.09 14.83
N ASN A 238 24.76 12.74 15.11
CA ASN A 238 23.45 12.15 14.95
C ASN A 238 22.65 13.02 13.98
N PHE A 239 21.98 12.38 13.04
CA PHE A 239 21.30 13.07 11.95
C PHE A 239 19.80 12.97 12.12
N LEU A 240 19.18 14.06 12.55
CA LEU A 240 17.76 14.19 12.81
C LEU A 240 17.29 15.53 12.28
N LYS A 241 16.16 15.55 11.59
CA LYS A 241 15.63 16.76 10.99
C LYS A 241 14.44 17.26 11.81
N SER A 242 14.55 18.49 12.32
CA SER A 242 13.49 19.13 13.09
C SER A 242 12.59 19.96 12.17
N HIS A 243 11.38 20.22 12.65
CA HIS A 243 10.44 21.03 11.88
C HIS A 243 10.94 22.45 11.66
N GLY A 244 11.70 22.99 12.62
CA GLY A 244 12.31 24.30 12.48
C GLY A 244 11.37 25.48 12.54
N ARG A 245 10.06 25.28 12.58
CA ARG A 245 9.11 26.40 12.62
C ARG A 245 8.61 26.60 14.05
N ASP A 246 7.40 27.13 14.21
CA ASP A 246 6.89 27.42 15.55
C ASP A 246 6.65 26.12 16.31
N ASN A 247 7.15 26.05 17.54
CA ASN A 247 7.12 24.80 18.28
C ASN A 247 5.75 24.55 18.92
N ALA A 248 5.05 25.60 19.31
CA ALA A 248 3.70 25.42 19.86
C ALA A 248 2.77 24.86 18.79
N ARG A 249 2.86 25.36 17.57
CA ARG A 249 2.05 24.82 16.48
C ARG A 249 2.40 23.36 16.22
N PHE A 250 3.69 23.02 16.25
CA PHE A 250 4.09 21.63 16.06
C PHE A 250 3.45 20.73 17.10
N ILE A 251 3.52 21.12 18.37
CA ILE A 251 2.96 20.32 19.44
C ILE A 251 1.46 20.10 19.20
N ARG A 252 0.75 21.14 18.78
CA ARG A 252 -0.69 21.02 18.58
C ARG A 252 -1.01 20.17 17.35
N LYS A 253 -0.31 20.41 16.24
CA LYS A 253 -0.58 19.65 15.02
C LYS A 253 -0.24 18.17 15.18
N GLN A 254 0.82 17.87 15.93
CA GLN A 254 1.20 16.49 16.19
C GLN A 254 0.31 15.81 17.23
N GLY A 255 -0.51 16.56 17.94
CA GLY A 255 -1.26 16.00 19.06
C GLY A 255 -0.40 15.56 20.22
N LEU A 256 0.78 16.14 20.39
CA LEU A 256 1.67 15.75 21.47
C LEU A 256 1.09 16.09 22.84
N ASP A 257 0.19 17.07 22.93
CA ASP A 257 -0.50 17.37 24.17
C ASP A 257 -1.80 16.59 24.31
N ARG A 258 -1.95 15.49 23.57
CA ARG A 258 -3.08 14.59 23.71
C ARG A 258 -2.59 13.21 24.13
N LEU A 259 -3.42 12.51 24.88
CA LEU A 259 -3.11 11.15 25.31
C LEU A 259 -3.72 10.16 24.34
N PHE A 260 -2.89 9.25 23.82
CA PHE A 260 -3.34 8.21 22.91
C PHE A 260 -3.02 6.83 23.45
N LEU A 261 -3.81 5.84 23.03
CA LEU A 261 -3.58 4.45 23.38
C LEU A 261 -3.74 3.58 22.14
N GLU A 262 -2.73 2.75 21.87
CA GLU A 262 -2.80 1.78 20.77
C GLU A 262 -3.39 0.48 21.28
N CYS A 263 -4.51 0.07 20.69
CA CYS A 263 -5.08 -1.24 20.95
C CYS A 263 -6.02 -1.60 19.80
N ASP A 264 -6.13 -2.89 19.51
CA ASP A 264 -6.97 -3.39 18.43
C ASP A 264 -6.57 -2.75 17.09
N ALA A 265 -5.27 -2.52 16.91
CA ALA A 265 -4.77 -1.94 15.65
C ALA A 265 -5.42 -0.59 15.37
N HIS A 266 -5.61 0.20 16.43
CA HIS A 266 -6.18 1.53 16.33
C HIS A 266 -5.50 2.43 17.36
N MET A 267 -5.41 3.73 17.04
CA MET A 267 -4.89 4.73 17.96
C MET A 267 -6.04 5.54 18.54
N TRP A 268 -6.38 5.29 19.80
CA TRP A 268 -7.50 5.93 20.45
C TRP A 268 -7.05 7.21 21.16
N ARG A 269 -7.73 8.31 20.88
CA ARG A 269 -7.49 9.56 21.60
C ARG A 269 -8.29 9.54 22.89
N LEU A 270 -7.61 9.66 24.03
CA LEU A 270 -8.25 9.48 25.32
C LEU A 270 -8.39 10.76 26.13
N GLY A 271 -7.70 11.83 25.77
CA GLY A 271 -7.85 13.09 26.47
C GLY A 271 -6.59 13.92 26.33
N ASP A 272 -6.55 14.99 27.12
CA ASP A 272 -5.45 15.94 27.14
C ASP A 272 -4.40 15.53 28.17
N ARG A 273 -3.19 16.08 28.00
CA ARG A 273 -2.13 15.90 28.98
C ARG A 273 -1.20 17.10 28.91
N ARG A 274 -0.39 17.25 29.95
CA ARG A 274 0.55 18.35 30.03
C ARG A 274 1.88 17.97 29.38
N ILE A 275 2.49 18.93 28.71
CA ILE A 275 3.88 18.82 28.28
C ILE A 275 4.74 18.91 29.54
N PRO A 276 5.60 17.94 29.83
CA PRO A 276 6.36 17.99 31.09
C PRO A 276 7.27 19.20 31.15
N GLU A 277 7.43 19.73 32.36
CA GLU A 277 8.28 20.89 32.58
C GLU A 277 9.76 20.49 32.65
N GLY A 278 10.62 21.43 32.28
CA GLY A 278 12.05 21.27 32.44
C GLY A 278 12.80 20.81 31.22
N ILE A 279 12.11 20.31 30.20
CA ILE A 279 12.76 19.84 28.99
C ILE A 279 12.17 20.58 27.80
N ALA A 280 12.99 20.72 26.76
CA ALA A 280 12.53 21.22 25.48
C ALA A 280 11.98 20.05 24.68
N VAL A 281 10.81 20.23 24.10
CA VAL A 281 10.18 19.23 23.26
C VAL A 281 10.40 19.64 21.81
N ASP A 282 10.76 18.68 20.97
CA ASP A 282 11.07 18.95 19.58
C ASP A 282 10.71 17.72 18.77
N GLY A 283 10.71 17.88 17.45
CA GLY A 283 10.38 16.78 16.56
C GLY A 283 10.44 17.22 15.13
N GLY A 284 10.10 16.27 14.25
CA GLY A 284 10.15 16.48 12.83
C GLY A 284 10.04 15.14 12.10
N SER A 285 11.06 14.80 11.33
CA SER A 285 11.01 13.56 10.56
C SER A 285 11.33 12.36 11.44
N ASP A 286 10.63 11.26 11.20
CA ASP A 286 10.92 9.98 11.85
C ASP A 286 11.90 9.13 11.06
N TRP A 287 12.59 9.71 10.07
CA TRP A 287 13.66 9.03 9.34
C TRP A 287 14.97 9.71 9.71
N PHE A 288 15.95 8.92 10.14
CA PHE A 288 17.14 9.47 10.76
C PHE A 288 18.32 8.50 10.62
N LEU A 289 19.48 8.95 11.10
CA LEU A 289 20.66 8.12 11.23
C LEU A 289 21.25 8.43 12.60
N LEU A 290 21.36 7.42 13.45
CA LEU A 290 21.84 7.60 14.82
C LEU A 290 23.09 6.75 15.03
N ASN A 291 24.09 7.33 15.68
CA ASN A 291 25.30 6.57 15.93
C ASN A 291 25.14 5.63 17.12
N ARG A 292 26.03 4.65 17.20
CA ARG A 292 25.92 3.59 18.18
C ARG A 292 25.93 4.13 19.61
N ARG A 293 26.79 5.13 19.88
CA ARG A 293 26.87 5.67 21.23
C ARG A 293 25.53 6.26 21.67
N PHE A 294 24.84 6.96 20.78
CA PHE A 294 23.54 7.48 21.17
C PHE A 294 22.53 6.35 21.34
N VAL A 295 22.58 5.32 20.48
CA VAL A 295 21.62 4.23 20.59
C VAL A 295 21.82 3.49 21.91
N GLU A 296 23.08 3.30 22.32
CA GLU A 296 23.37 2.69 23.61
C GLU A 296 22.78 3.50 24.76
N TYR A 297 22.90 4.83 24.69
CA TYR A 297 22.34 5.69 25.72
C TYR A 297 20.82 5.53 25.80
N VAL A 298 20.15 5.60 24.65
CA VAL A 298 18.70 5.46 24.63
C VAL A 298 18.27 4.12 25.20
N THR A 299 19.05 3.08 24.91
CA THR A 299 18.63 1.72 25.24
C THR A 299 18.86 1.42 26.72
N PHE A 300 20.04 1.73 27.24
CA PHE A 300 20.44 1.27 28.56
C PHE A 300 20.45 2.33 29.65
N SER A 301 20.29 3.61 29.31
CA SER A 301 20.31 4.62 30.36
C SER A 301 19.08 4.49 31.24
N THR A 302 19.26 4.71 32.54
CA THR A 302 18.15 4.75 33.49
C THR A 302 18.03 6.13 34.13
N ASP A 303 18.57 7.16 33.50
CA ASP A 303 18.46 8.50 34.06
C ASP A 303 17.03 9.02 33.89
N ASP A 304 16.77 10.17 34.51
CA ASP A 304 15.41 10.69 34.59
C ASP A 304 14.82 10.96 33.21
N LEU A 305 15.65 11.40 32.28
CA LEU A 305 15.16 11.81 30.96
C LEU A 305 14.68 10.60 30.15
N VAL A 306 15.54 9.60 29.97
CA VAL A 306 15.19 8.45 29.14
C VAL A 306 14.02 7.70 29.73
N THR A 307 14.04 7.46 31.04
CA THR A 307 12.99 6.70 31.69
C THR A 307 11.63 7.35 31.48
N LYS A 308 11.53 8.66 31.78
CA LYS A 308 10.24 9.31 31.70
C LYS A 308 9.79 9.51 30.26
N MET A 309 10.74 9.72 29.33
CA MET A 309 10.36 9.87 27.93
C MET A 309 9.87 8.54 27.35
N LYS A 310 10.42 7.42 27.78
CA LYS A 310 9.89 6.14 27.30
C LYS A 310 8.46 5.94 27.78
N GLN A 311 8.15 6.40 28.98
CA GLN A 311 6.78 6.32 29.48
C GLN A 311 5.86 7.28 28.73
N PHE A 312 6.29 8.54 28.59
CA PHE A 312 5.50 9.53 27.88
C PHE A 312 5.17 9.07 26.45
N TYR A 313 6.16 8.54 25.75
CA TYR A 313 5.99 8.21 24.33
C TYR A 313 5.36 6.85 24.09
N SER A 314 5.09 6.08 25.14
CA SER A 314 4.28 4.87 25.01
C SER A 314 2.82 5.19 24.73
N TYR A 315 2.39 6.41 24.99
CA TYR A 315 1.01 6.85 24.83
C TYR A 315 0.94 8.05 23.90
N THR A 316 1.79 8.05 22.87
CA THR A 316 1.94 9.20 21.99
C THR A 316 1.69 8.80 20.55
N LEU A 317 0.97 9.66 19.83
CA LEU A 317 0.78 9.50 18.40
C LEU A 317 2.04 9.91 17.66
N LEU A 318 2.39 9.14 16.63
CA LEU A 318 3.57 9.41 15.82
C LEU A 318 4.81 9.56 16.72
N PRO A 319 5.05 8.61 17.61
CA PRO A 319 6.10 8.83 18.62
C PRO A 319 7.48 8.98 18.02
N ALA A 320 7.76 8.32 16.90
CA ALA A 320 9.09 8.38 16.31
C ALA A 320 9.38 9.71 15.64
N GLU A 321 8.39 10.59 15.49
CA GLU A 321 8.65 11.92 14.96
C GLU A 321 9.12 12.91 16.01
N SER A 322 9.20 12.53 17.29
CA SER A 322 9.68 13.49 18.29
C SER A 322 10.44 12.85 19.46
N PHE A 323 10.26 11.56 19.72
CA PHE A 323 10.97 10.92 20.85
C PHE A 323 12.48 11.11 20.74
N PHE A 324 13.08 10.75 19.60
CA PHE A 324 14.53 10.81 19.49
C PHE A 324 15.03 12.25 19.46
N HIS A 325 14.27 13.18 18.87
CA HIS A 325 14.63 14.59 18.95
C HIS A 325 14.63 15.07 20.39
N THR A 326 13.55 14.77 21.13
CA THR A 326 13.42 15.30 22.48
C THR A 326 14.48 14.71 23.40
N VAL A 327 14.71 13.40 23.31
CA VAL A 327 15.75 12.79 24.12
C VAL A 327 17.11 13.37 23.77
N LEU A 328 17.46 13.40 22.49
CA LEU A 328 18.79 13.85 22.10
C LEU A 328 19.06 15.27 22.57
N GLU A 329 18.13 16.19 22.31
CA GLU A 329 18.37 17.60 22.61
C GLU A 329 18.47 17.86 24.10
N ASN A 330 17.89 17.02 24.94
CA ASN A 330 17.93 17.21 26.39
C ASN A 330 18.92 16.29 27.08
N SER A 331 19.71 15.52 26.33
CA SER A 331 20.63 14.54 26.87
C SER A 331 22.06 15.05 26.88
N PRO A 332 23.02 14.28 27.42
CA PRO A 332 24.43 14.68 27.32
C PRO A 332 24.98 14.61 25.91
N HIS A 333 24.22 14.12 24.94
CA HIS A 333 24.66 14.05 23.56
C HIS A 333 24.11 15.20 22.71
N CYS A 334 23.51 16.20 23.36
CA CYS A 334 22.83 17.26 22.60
C CYS A 334 23.75 17.95 21.60
N ASP A 335 25.05 18.03 21.87
CA ASP A 335 25.96 18.74 20.99
C ASP A 335 26.36 17.92 19.77
N THR A 336 25.84 16.71 19.62
CA THR A 336 26.12 15.88 18.46
C THR A 336 25.05 15.99 17.38
N MET A 337 23.99 16.75 17.62
CA MET A 337 22.86 16.78 16.71
C MET A 337 23.16 17.61 15.47
N VAL A 338 22.95 17.00 14.30
CA VAL A 338 22.95 17.69 13.02
C VAL A 338 21.50 17.80 12.56
N ASP A 339 21.06 19.02 12.22
CA ASP A 339 19.67 19.23 11.82
C ASP A 339 19.52 18.93 10.33
N ASN A 340 19.70 17.66 10.01
CA ASN A 340 19.60 17.17 8.64
C ASN A 340 19.54 15.65 8.74
N ASN A 341 18.47 15.04 8.23
CA ASN A 341 18.35 13.59 8.29
C ASN A 341 18.86 12.92 7.02
N LEU A 342 19.48 13.69 6.13
CA LEU A 342 20.08 13.18 4.89
C LEU A 342 19.03 12.52 3.99
N ARG A 343 17.78 12.95 4.09
CA ARG A 343 16.68 12.41 3.30
C ARG A 343 16.04 13.51 2.47
N ILE A 344 15.51 13.13 1.31
CA ILE A 344 14.55 13.94 0.58
C ILE A 344 13.20 13.28 0.71
N THR A 345 12.24 13.99 1.30
CA THR A 345 10.89 13.48 1.51
C THR A 345 9.94 14.27 0.61
N ASN A 346 9.20 13.55 -0.23
CA ASN A 346 8.39 14.16 -1.29
C ASN A 346 7.04 14.63 -0.74
N TRP A 347 7.11 15.62 0.14
CA TRP A 347 5.89 16.21 0.67
C TRP A 347 5.20 17.04 -0.40
N ASN A 348 3.87 16.95 -0.42
CA ASN A 348 3.02 17.73 -1.32
C ASN A 348 1.67 17.85 -0.62
N ARG A 349 1.52 18.90 0.18
CA ARG A 349 0.41 18.99 1.12
C ARG A 349 -0.95 19.07 0.41
N LYS A 350 -0.98 19.63 -0.80
CA LYS A 350 -2.24 19.72 -1.52
C LYS A 350 -2.82 18.34 -1.83
N LEU A 351 -1.97 17.31 -1.93
CA LEU A 351 -2.39 15.96 -2.27
C LEU A 351 -2.31 14.98 -1.10
N GLY A 352 -1.35 15.16 -0.19
CA GLY A 352 -1.06 14.16 0.81
C GLY A 352 -1.72 14.35 2.16
N CYS A 353 -2.49 15.41 2.35
CA CYS A 353 -3.16 15.71 3.63
C CYS A 353 -4.66 15.63 3.41
N LYS A 354 -5.19 14.44 3.17
CA LYS A 354 -6.62 14.24 2.99
C LYS A 354 -7.26 13.56 4.19
N CYS A 355 -6.63 13.62 5.35
CA CYS A 355 -7.09 12.89 6.54
C CYS A 355 -7.46 11.46 6.15
N GLN A 356 -6.54 10.81 5.45
CA GLN A 356 -6.80 9.49 4.87
C GLN A 356 -6.69 8.35 5.89
N TYR A 357 -6.05 8.59 7.04
CA TYR A 357 -5.96 7.58 8.09
C TYR A 357 -7.00 7.78 9.19
N LYS A 358 -8.09 8.50 8.90
CA LYS A 358 -9.07 8.82 9.93
C LYS A 358 -9.70 7.58 10.56
N HIS A 359 -9.68 6.44 9.86
CA HIS A 359 -10.27 5.21 10.38
C HIS A 359 -9.27 4.35 11.15
N ILE A 360 -7.98 4.71 11.13
CA ILE A 360 -6.97 3.98 11.89
C ILE A 360 -6.53 4.75 13.14
N VAL A 361 -6.55 6.09 13.11
CA VAL A 361 -6.12 6.90 14.24
C VAL A 361 -7.17 7.97 14.46
N ASP A 362 -7.31 8.39 15.72
CA ASP A 362 -8.23 9.46 16.10
C ASP A 362 -7.55 10.82 15.90
N TRP A 363 -7.16 11.08 14.65
CA TRP A 363 -6.39 12.26 14.29
C TRP A 363 -6.33 12.31 12.77
N CYS A 364 -5.91 13.45 12.24
CA CYS A 364 -5.72 13.60 10.81
C CYS A 364 -4.22 13.69 10.51
N GLY A 365 -3.80 13.04 9.44
CA GLY A 365 -2.39 12.92 9.11
C GLY A 365 -2.11 13.25 7.66
N CYS A 366 -0.82 13.21 7.34
CA CYS A 366 -0.31 13.44 5.99
C CYS A 366 0.76 12.40 5.71
N SER A 367 0.93 12.08 4.43
CA SER A 367 2.03 11.21 4.02
C SER A 367 2.67 11.78 2.77
N PRO A 368 3.93 11.44 2.52
CA PRO A 368 4.59 11.93 1.30
C PRO A 368 4.01 11.29 0.05
N ASN A 369 4.14 12.01 -1.06
CA ASN A 369 3.76 11.52 -2.37
C ASN A 369 4.85 10.63 -2.95
N ASP A 370 4.46 9.84 -3.96
CA ASP A 370 5.42 9.05 -4.71
C ASP A 370 6.12 9.91 -5.75
N PHE A 371 7.43 9.71 -5.90
CA PHE A 371 8.19 10.40 -6.93
C PHE A 371 7.76 9.96 -8.32
N LYS A 372 7.91 10.87 -9.27
CA LYS A 372 7.65 10.65 -10.69
C LYS A 372 8.89 11.03 -11.50
N PRO A 373 8.91 10.68 -12.80
CA PRO A 373 10.09 11.02 -13.61
C PRO A 373 10.46 12.50 -13.59
N GLN A 374 9.46 13.39 -13.55
CA GLN A 374 9.74 14.83 -13.51
C GLN A 374 10.54 15.24 -12.29
N ASP A 375 10.68 14.35 -11.30
CA ASP A 375 11.38 14.67 -10.06
C ASP A 375 12.86 14.30 -10.10
N PHE A 376 13.34 13.70 -11.19
CA PHE A 376 14.69 13.14 -11.19
C PHE A 376 15.74 14.20 -10.86
N HIS A 377 15.55 15.43 -11.37
CA HIS A 377 16.52 16.48 -11.14
C HIS A 377 16.68 16.83 -9.66
N ARG A 378 15.69 16.47 -8.83
CA ARG A 378 15.77 16.78 -7.41
C ARG A 378 16.76 15.89 -6.66
N PHE A 379 17.11 14.74 -7.23
CA PHE A 379 18.11 13.88 -6.62
C PHE A 379 19.53 14.32 -6.93
N GLN A 380 19.71 15.38 -7.72
CA GLN A 380 21.03 15.90 -8.09
C GLN A 380 21.35 17.24 -7.43
N GLN A 381 20.53 17.69 -6.48
CA GLN A 381 20.81 18.94 -5.79
C GLN A 381 22.06 18.81 -4.93
N THR A 382 22.87 19.85 -4.93
CA THR A 382 24.09 19.91 -4.12
C THR A 382 23.93 20.76 -2.87
N ALA A 383 22.74 21.32 -2.64
CA ALA A 383 22.50 22.21 -1.50
C ALA A 383 23.00 21.59 -0.20
N ARG A 384 22.34 20.53 0.25
CA ARG A 384 22.71 19.84 1.48
C ARG A 384 23.00 18.37 1.19
N PRO A 385 23.75 17.70 2.08
CA PRO A 385 23.99 16.26 1.87
C PRO A 385 22.71 15.47 2.04
N THR A 386 22.42 14.61 1.06
CA THR A 386 21.28 13.72 1.11
C THR A 386 21.67 12.39 0.47
N PHE A 387 21.20 11.29 1.08
CA PHE A 387 21.60 9.97 0.65
C PHE A 387 20.43 9.02 0.41
N PHE A 388 19.21 9.36 0.82
CA PHE A 388 18.04 8.55 0.56
C PHE A 388 16.85 9.45 0.27
N ALA A 389 15.80 8.85 -0.30
CA ALA A 389 14.59 9.60 -0.61
C ALA A 389 13.38 8.69 -0.48
N ARG A 390 12.21 9.30 -0.32
CA ARG A 390 10.95 8.56 -0.27
C ARG A 390 9.83 9.53 -0.64
N LYS A 391 8.73 9.02 -1.21
CA LYS A 391 8.44 7.59 -1.40
C LYS A 391 8.51 7.15 -2.87
N PHE A 392 8.81 5.87 -3.07
CA PHE A 392 8.78 5.23 -4.37
C PHE A 392 7.83 4.04 -4.31
N GLU A 393 6.93 3.94 -5.29
CA GLU A 393 6.07 2.77 -5.46
C GLU A 393 6.09 2.33 -6.91
N ALA A 394 6.47 1.07 -7.14
CA ALA A 394 6.54 0.56 -8.50
C ALA A 394 5.17 0.42 -9.14
N VAL A 395 4.11 0.16 -8.37
CA VAL A 395 2.78 0.12 -8.98
C VAL A 395 2.27 1.50 -9.36
N VAL A 396 2.91 2.55 -8.86
CA VAL A 396 2.53 3.92 -9.20
C VAL A 396 3.42 4.47 -10.31
N ASN A 397 4.74 4.39 -10.14
CA ASN A 397 5.66 4.80 -11.20
C ASN A 397 6.97 4.08 -10.96
N GLN A 398 7.31 3.15 -11.87
CA GLN A 398 8.59 2.46 -11.79
C GLN A 398 9.68 3.15 -12.58
N GLU A 399 9.32 3.99 -13.56
CA GLU A 399 10.32 4.59 -14.43
C GLU A 399 11.32 5.42 -13.62
N ILE A 400 10.84 6.16 -12.63
CA ILE A 400 11.75 6.99 -11.84
C ILE A 400 12.69 6.12 -11.02
N ILE A 401 12.20 4.95 -10.57
CA ILE A 401 13.07 3.99 -9.87
C ILE A 401 14.18 3.53 -10.80
N GLY A 402 13.82 3.11 -12.00
CA GLY A 402 14.83 2.69 -12.98
C GLY A 402 15.82 3.81 -13.30
N GLN A 403 15.31 5.02 -13.54
CA GLN A 403 16.20 6.14 -13.82
C GLN A 403 17.21 6.30 -12.69
N LEU A 404 16.73 6.27 -11.44
CA LEU A 404 17.60 6.46 -10.30
C LEU A 404 18.61 5.32 -10.19
N ASP A 405 18.17 4.08 -10.36
CA ASP A 405 19.06 2.96 -10.13
C ASP A 405 20.18 2.89 -11.17
N TYR A 406 19.85 3.12 -12.45
CA TYR A 406 20.88 3.12 -13.49
C TYR A 406 21.78 4.35 -13.36
N TYR A 407 21.24 5.46 -12.86
CA TYR A 407 22.07 6.63 -12.62
C TYR A 407 23.13 6.33 -11.57
N LEU A 408 22.77 5.61 -10.51
CA LEU A 408 23.70 5.33 -9.43
C LEU A 408 24.69 4.22 -9.80
N TYR A 409 24.21 3.17 -10.45
CA TYR A 409 25.01 1.95 -10.57
C TYR A 409 25.14 1.46 -12.02
N GLY A 410 24.67 2.23 -12.98
CA GLY A 410 24.87 1.91 -14.38
C GLY A 410 23.72 1.11 -14.98
N ASN A 411 23.65 1.14 -16.32
CA ASN A 411 22.68 0.32 -17.04
C ASN A 411 23.00 -1.16 -16.85
N TYR A 412 21.94 -1.97 -16.94
CA TYR A 412 22.13 -3.40 -17.08
C TYR A 412 22.59 -3.72 -18.51
N PRO A 413 23.20 -4.89 -18.72
CA PRO A 413 23.70 -5.21 -20.07
C PRO A 413 22.55 -5.32 -21.07
N ALA A 414 22.87 -5.05 -22.33
CA ALA A 414 21.88 -5.17 -23.39
C ALA A 414 21.30 -6.57 -23.40
N GLY A 415 20.02 -6.67 -23.73
CA GLY A 415 19.33 -7.93 -23.74
C GLY A 415 18.84 -8.40 -22.39
N THR A 416 19.09 -7.65 -21.32
CA THR A 416 18.59 -8.01 -20.00
C THR A 416 17.07 -7.91 -20.02
N PRO A 417 16.34 -8.97 -19.67
CA PRO A 417 14.88 -8.91 -19.75
C PRO A 417 14.23 -8.29 -18.50
N GLY A 418 13.01 -7.83 -18.70
CA GLY A 418 12.13 -7.48 -17.60
C GLY A 418 12.35 -6.11 -17.01
N LEU A 419 13.23 -5.30 -17.60
CA LEU A 419 13.62 -4.05 -16.96
C LEU A 419 12.49 -3.04 -16.91
N ARG A 420 11.56 -3.11 -17.86
CA ARG A 420 10.42 -2.19 -17.89
C ARG A 420 9.17 -2.82 -17.32
N SER A 421 9.28 -4.02 -16.74
CA SER A 421 8.14 -4.75 -16.21
C SER A 421 8.13 -4.68 -14.70
N TYR A 422 6.95 -4.93 -14.13
CA TYR A 422 6.85 -5.09 -12.68
C TYR A 422 5.77 -6.11 -12.37
N TRP A 423 6.11 -7.01 -11.45
CA TRP A 423 5.23 -8.07 -10.99
C TRP A 423 5.00 -7.90 -9.50
N GLU A 424 3.75 -7.95 -9.06
CA GLU A 424 3.44 -7.80 -7.63
C GLU A 424 2.39 -8.83 -7.25
N ASN A 425 2.76 -9.71 -6.33
CA ASN A 425 1.87 -10.77 -5.88
C ASN A 425 0.78 -10.19 -4.99
N VAL A 426 -0.49 -10.39 -5.37
CA VAL A 426 -1.63 -9.94 -4.57
C VAL A 426 -2.41 -11.09 -3.97
N TYR A 427 -2.04 -12.34 -4.26
CA TYR A 427 -2.57 -13.47 -3.51
C TYR A 427 -1.59 -14.63 -3.61
N ASP A 428 -1.36 -15.28 -2.47
CA ASP A 428 -0.44 -16.40 -2.37
C ASP A 428 -1.12 -17.51 -1.58
N GLU A 429 -1.12 -18.71 -2.14
CA GLU A 429 -1.89 -19.81 -1.58
C GLU A 429 -1.68 -20.06 -0.09
N PRO A 430 -0.45 -19.96 0.45
CA PRO A 430 -0.29 -20.24 1.89
C PRO A 430 -1.17 -19.39 2.78
N ASP A 431 -1.67 -18.26 2.28
CA ASP A 431 -2.47 -17.37 3.11
C ASP A 431 -3.95 -17.73 3.10
N GLY A 432 -4.39 -18.60 2.18
CA GLY A 432 -5.72 -19.20 2.29
C GLY A 432 -6.79 -18.38 1.62
N ILE A 433 -7.79 -19.09 1.09
CA ILE A 433 -8.86 -18.41 0.36
C ILE A 433 -9.70 -17.54 1.27
N HIS A 434 -9.63 -17.74 2.59
CA HIS A 434 -10.39 -16.87 3.49
C HIS A 434 -9.75 -15.50 3.65
N SER A 435 -8.52 -15.32 3.20
CA SER A 435 -7.93 -13.99 3.12
C SER A 435 -8.33 -13.25 1.86
N LEU A 436 -8.86 -13.95 0.86
CA LEU A 436 -9.53 -13.32 -0.26
C LEU A 436 -10.96 -12.97 0.13
N SER A 437 -11.62 -12.18 -0.72
CA SER A 437 -13.05 -11.96 -0.58
C SER A 437 -13.81 -12.87 -1.52
N ASP A 438 -15.12 -12.96 -1.31
CA ASP A 438 -15.95 -13.71 -2.23
C ASP A 438 -15.88 -13.13 -3.64
N VAL A 439 -15.68 -11.82 -3.74
CA VAL A 439 -15.57 -11.18 -5.04
C VAL A 439 -14.30 -11.63 -5.76
N THR A 440 -13.15 -11.49 -5.11
CA THR A 440 -11.90 -11.79 -5.81
C THR A 440 -11.73 -13.28 -6.03
N LEU A 441 -12.20 -14.11 -5.08
CA LEU A 441 -12.17 -15.55 -5.31
C LEU A 441 -13.00 -15.91 -6.54
N THR A 442 -14.22 -15.39 -6.62
CA THR A 442 -15.07 -15.63 -7.79
C THR A 442 -14.36 -15.24 -9.07
N LEU A 443 -13.77 -14.03 -9.12
CA LEU A 443 -13.23 -13.54 -10.37
C LEU A 443 -11.90 -14.19 -10.73
N TYR A 444 -11.04 -14.48 -9.75
CA TYR A 444 -9.80 -15.19 -10.06
C TYR A 444 -10.09 -16.58 -10.63
N HIS A 445 -11.10 -17.27 -10.09
CA HIS A 445 -11.55 -18.54 -10.67
C HIS A 445 -11.98 -18.36 -12.12
N SER A 446 -12.75 -17.31 -12.38
CA SER A 446 -13.24 -17.06 -13.73
C SER A 446 -12.09 -16.78 -14.69
N PHE A 447 -11.10 -16.01 -14.25
CA PHE A 447 -9.95 -15.70 -15.10
C PHE A 447 -9.20 -16.97 -15.49
N ALA A 448 -9.03 -17.88 -14.54
CA ALA A 448 -8.39 -19.17 -14.83
C ALA A 448 -9.17 -19.94 -15.88
N ARG A 449 -10.50 -20.04 -15.72
CA ARG A 449 -11.29 -20.75 -16.72
C ARG A 449 -11.21 -20.06 -18.07
N LEU A 450 -11.09 -18.73 -18.08
CA LEU A 450 -10.90 -18.02 -19.35
C LEU A 450 -9.60 -18.43 -20.01
N GLY A 451 -8.54 -18.60 -19.23
CA GLY A 451 -7.29 -19.08 -19.78
C GLY A 451 -7.40 -20.50 -20.32
N LEU A 452 -8.11 -21.37 -19.61
CA LEU A 452 -8.24 -22.76 -20.06
C LEU A 452 -9.01 -22.83 -21.38
N ARG A 453 -10.01 -21.97 -21.57
CA ARG A 453 -10.70 -21.95 -22.85
C ARG A 453 -9.77 -21.47 -23.95
N ARG A 454 -8.87 -20.53 -23.64
CA ARG A 454 -7.92 -20.08 -24.65
C ARG A 454 -6.97 -21.20 -25.07
N ALA A 455 -6.51 -22.01 -24.12
CA ALA A 455 -5.68 -23.16 -24.47
C ALA A 455 -6.40 -24.06 -25.45
N GLU A 456 -7.65 -24.41 -25.14
CA GLU A 456 -8.40 -25.34 -25.97
C GLU A 456 -8.57 -24.81 -27.39
N THR A 457 -8.99 -23.55 -27.53
CA THR A 457 -9.25 -22.99 -28.85
C THR A 457 -7.99 -22.66 -29.63
N SER A 458 -6.82 -22.62 -28.98
CA SER A 458 -5.59 -22.29 -29.69
C SER A 458 -4.99 -23.50 -30.41
N LEU A 459 -5.52 -24.70 -30.22
CA LEU A 459 -5.02 -25.89 -30.90
C LEU A 459 -5.98 -26.24 -32.04
N HIS A 460 -5.44 -26.29 -33.25
CA HIS A 460 -6.22 -26.60 -34.44
C HIS A 460 -5.85 -28.01 -34.86
N THR A 461 -6.63 -28.99 -34.41
CA THR A 461 -6.38 -30.39 -34.68
C THR A 461 -7.66 -31.07 -35.12
N ASP A 462 -7.52 -32.07 -35.99
CA ASP A 462 -8.66 -32.83 -36.47
C ASP A 462 -9.18 -33.80 -35.42
N GLY A 463 -8.32 -34.25 -34.52
CA GLY A 463 -8.68 -35.32 -33.61
C GLY A 463 -8.78 -34.89 -32.17
N GLU A 464 -8.20 -35.68 -31.27
CA GLU A 464 -8.30 -35.39 -29.85
C GLU A 464 -7.55 -34.10 -29.55
N ASN A 465 -8.23 -33.15 -28.93
CA ASN A 465 -7.61 -31.91 -28.50
C ASN A 465 -6.82 -32.18 -27.22
N SER A 466 -5.50 -32.04 -27.29
CA SER A 466 -4.63 -32.21 -26.14
C SER A 466 -4.38 -30.90 -25.40
N CYS A 467 -5.23 -29.90 -25.60
CA CYS A 467 -5.18 -28.65 -24.84
C CYS A 467 -6.49 -28.38 -24.12
N ARG A 468 -7.28 -29.42 -23.86
CA ARG A 468 -8.53 -29.33 -23.14
C ARG A 468 -8.28 -29.64 -21.66
N TYR A 469 -8.80 -28.80 -20.77
CA TYR A 469 -8.47 -28.88 -19.35
C TYR A 469 -9.73 -28.84 -18.48
N TYR A 470 -9.62 -29.48 -17.32
CA TYR A 470 -10.61 -29.38 -16.27
C TYR A 470 -9.99 -28.69 -15.06
N PRO A 471 -10.56 -27.58 -14.57
CA PRO A 471 -9.91 -26.87 -13.46
C PRO A 471 -9.97 -27.65 -12.16
N MET A 472 -8.94 -27.45 -11.32
CA MET A 472 -8.80 -28.16 -10.06
C MET A 472 -8.52 -27.17 -8.94
N GLY A 473 -9.29 -27.25 -7.86
CA GLY A 473 -8.96 -26.50 -6.68
C GLY A 473 -9.04 -25.01 -6.89
N HIS A 474 -8.30 -24.28 -6.07
CA HIS A 474 -8.34 -22.82 -6.09
C HIS A 474 -7.05 -22.25 -6.65
N PRO A 475 -7.06 -20.97 -7.05
CA PRO A 475 -5.82 -20.35 -7.54
C PRO A 475 -4.69 -20.49 -6.54
N ALA A 476 -3.49 -20.75 -7.07
CA ALA A 476 -2.30 -20.86 -6.23
C ALA A 476 -1.62 -19.52 -6.00
N SER A 477 -1.65 -18.61 -6.97
CA SER A 477 -1.12 -17.27 -6.77
C SER A 477 -1.73 -16.35 -7.83
N VAL A 478 -1.76 -15.06 -7.50
CA VAL A 478 -2.21 -14.02 -8.43
C VAL A 478 -1.22 -12.87 -8.36
N HIS A 479 -0.80 -12.38 -9.53
CA HIS A 479 0.11 -11.25 -9.65
C HIS A 479 -0.55 -10.12 -10.43
N LEU A 480 -0.31 -8.88 -10.00
CA LEU A 480 -0.45 -7.75 -10.90
C LEU A 480 0.74 -7.72 -11.85
N TYR A 481 0.49 -7.27 -13.08
CA TYR A 481 1.51 -7.23 -14.12
C TYR A 481 1.50 -5.86 -14.76
N PHE A 482 2.63 -5.16 -14.71
CA PHE A 482 2.77 -3.84 -15.31
C PHE A 482 3.89 -3.87 -16.33
N LEU A 483 3.73 -3.10 -17.40
CA LEU A 483 4.77 -2.94 -18.42
C LEU A 483 4.86 -1.47 -18.78
N ALA A 484 6.04 -0.88 -18.65
CA ALA A 484 6.24 0.53 -18.94
C ALA A 484 5.19 1.38 -18.24
N ASP A 485 4.93 1.04 -16.97
CA ASP A 485 4.00 1.77 -16.11
C ASP A 485 2.56 1.75 -16.63
N ARG A 486 2.23 0.76 -17.45
CA ARG A 486 0.85 0.51 -17.86
C ARG A 486 0.39 -0.81 -17.26
N PHE A 487 -0.74 -0.78 -16.56
CA PHE A 487 -1.33 -2.00 -16.02
C PHE A 487 -1.71 -2.94 -17.15
N GLN A 488 -1.22 -4.18 -17.08
CA GLN A 488 -1.48 -5.16 -18.13
C GLN A 488 -2.52 -6.20 -17.73
N GLY A 489 -2.90 -6.26 -16.45
CA GLY A 489 -3.90 -7.20 -15.98
C GLY A 489 -3.34 -8.14 -14.92
N PHE A 490 -3.95 -9.30 -14.81
CA PHE A 490 -3.65 -10.28 -13.77
C PHE A 490 -2.96 -11.50 -14.36
N LEU A 491 -2.07 -12.08 -13.55
CA LEU A 491 -1.49 -13.39 -13.85
C LEU A 491 -1.97 -14.35 -12.77
N ILE A 492 -2.68 -15.39 -13.18
CA ILE A 492 -3.23 -16.37 -12.26
C ILE A 492 -2.49 -17.68 -12.47
N LYS A 493 -1.90 -18.20 -11.40
CA LYS A 493 -1.32 -19.53 -11.42
C LYS A 493 -2.36 -20.50 -10.88
N HIS A 494 -2.62 -21.57 -11.64
CA HIS A 494 -3.69 -22.48 -11.29
C HIS A 494 -3.35 -23.89 -11.75
N HIS A 495 -4.02 -24.87 -11.13
CA HIS A 495 -3.86 -26.28 -11.46
C HIS A 495 -5.06 -26.75 -12.27
N ALA A 496 -4.79 -27.68 -13.19
CA ALA A 496 -5.83 -28.20 -14.05
C ALA A 496 -5.39 -29.56 -14.57
N THR A 497 -6.37 -30.43 -14.83
CA THR A 497 -6.11 -31.73 -15.42
C THR A 497 -6.13 -31.60 -16.93
N ASN A 498 -5.03 -31.99 -17.58
CA ASN A 498 -5.07 -32.16 -19.02
C ASN A 498 -5.88 -33.42 -19.34
N LEU A 499 -6.98 -33.26 -20.06
CA LEU A 499 -7.94 -34.34 -20.19
C LEU A 499 -7.51 -35.39 -21.21
N ALA A 500 -6.66 -35.06 -22.18
CA ALA A 500 -6.20 -36.08 -23.12
C ALA A 500 -5.32 -37.10 -22.42
N VAL A 501 -4.37 -36.64 -21.59
CA VAL A 501 -3.47 -37.54 -20.90
C VAL A 501 -3.89 -37.78 -19.44
N SER A 502 -4.87 -37.04 -18.94
CA SER A 502 -5.41 -37.28 -17.60
C SER A 502 -4.36 -37.00 -16.52
N LYS A 503 -3.63 -35.90 -16.68
CA LYS A 503 -2.55 -35.53 -15.78
C LYS A 503 -2.74 -34.10 -15.29
N LEU A 504 -2.43 -33.89 -14.01
CA LEU A 504 -2.45 -32.55 -13.45
C LEU A 504 -1.29 -31.73 -13.99
N GLU A 505 -1.57 -30.48 -14.36
CA GLU A 505 -0.56 -29.54 -14.80
C GLU A 505 -0.75 -28.24 -14.06
N THR A 506 0.35 -27.50 -13.89
CA THR A 506 0.33 -26.18 -13.28
C THR A 506 0.55 -25.15 -14.38
N LEU A 507 -0.34 -24.17 -14.45
CA LEU A 507 -0.39 -23.21 -15.55
C LEU A 507 -0.40 -21.80 -15.00
N GLU A 508 -0.07 -20.83 -15.85
CA GLU A 508 -0.28 -19.42 -15.51
C GLU A 508 -0.98 -18.73 -16.69
N THR A 509 -2.06 -18.03 -16.37
CA THR A 509 -2.87 -17.31 -17.34
C THR A 509 -2.69 -15.82 -17.17
N TRP A 510 -2.56 -15.11 -18.29
CA TRP A 510 -2.53 -13.66 -18.32
C TRP A 510 -3.86 -13.16 -18.88
N VAL A 511 -4.63 -12.45 -18.05
CA VAL A 511 -5.86 -11.81 -18.48
C VAL A 511 -5.68 -10.30 -18.42
N MET A 512 -6.25 -9.62 -19.42
CA MET A 512 -6.10 -8.19 -19.58
C MET A 512 -7.49 -7.58 -19.79
N PRO A 513 -7.82 -6.48 -19.13
CA PRO A 513 -9.16 -5.91 -19.32
C PRO A 513 -9.29 -5.28 -20.69
N LYS A 514 -10.46 -5.47 -21.29
CA LYS A 514 -10.74 -4.83 -22.56
C LYS A 514 -10.94 -3.34 -22.37
N LYS A 515 -10.54 -2.57 -23.38
CA LYS A 515 -10.71 -1.12 -23.33
C LYS A 515 -12.19 -0.78 -23.47
N VAL A 516 -12.69 0.08 -22.57
CA VAL A 516 -14.11 0.39 -22.52
C VAL A 516 -14.37 1.89 -22.56
N PHE A 517 -13.34 2.70 -22.32
CA PHE A 517 -13.52 4.15 -22.40
C PHE A 517 -13.61 4.57 -23.86
N LYS A 518 -14.74 5.19 -24.23
CA LYS A 518 -15.01 5.60 -25.60
C LYS A 518 -15.42 7.06 -25.61
N ILE A 519 -14.75 7.85 -26.44
CA ILE A 519 -15.02 9.28 -26.55
C ILE A 519 -15.92 9.53 -27.74
N ALA A 520 -16.59 10.69 -27.74
CA ALA A 520 -17.46 11.09 -28.83
C ALA A 520 -17.30 12.59 -29.07
N SER A 521 -17.56 13.01 -30.29
CA SER A 521 -17.43 14.42 -30.67
C SER A 521 -18.40 15.29 -29.87
N GLY A 527 -12.69 20.01 -26.11
CA GLY A 527 -13.11 19.28 -24.94
C GLY A 527 -11.99 19.10 -23.93
N ARG A 528 -12.34 19.00 -22.65
CA ARG A 528 -11.35 18.86 -21.59
C ARG A 528 -11.24 17.44 -21.04
N LEU A 529 -12.24 16.59 -21.26
CA LEU A 529 -12.21 15.25 -20.68
C LEU A 529 -11.12 14.41 -21.33
N GLN A 530 -10.28 13.80 -20.49
CA GLN A 530 -9.20 12.94 -20.95
C GLN A 530 -9.44 11.47 -20.67
N PHE A 531 -10.13 11.15 -19.59
CA PHE A 531 -10.34 9.77 -19.20
C PHE A 531 -11.49 9.71 -18.21
N SER A 532 -12.10 8.54 -18.12
CA SER A 532 -13.16 8.28 -17.15
C SER A 532 -13.06 6.84 -16.71
N GLU A 533 -13.22 6.60 -15.42
CA GLU A 533 -13.06 5.26 -14.87
C GLU A 533 -13.98 5.08 -13.68
N VAL A 534 -14.43 3.84 -13.47
CA VAL A 534 -15.20 3.44 -12.30
C VAL A 534 -14.38 2.43 -11.52
N GLY A 535 -14.32 2.60 -10.20
CA GLY A 535 -13.55 1.71 -9.36
C GLY A 535 -13.90 1.86 -7.90
N THR A 536 -13.10 1.23 -7.05
CA THR A 536 -13.18 1.39 -5.60
C THR A 536 -11.79 1.64 -5.05
N ASP A 537 -11.75 2.08 -3.80
CA ASP A 537 -10.50 2.34 -3.09
C ASP A 537 -9.69 3.41 -3.82
N TRP A 538 -10.34 4.56 -4.02
CA TRP A 538 -9.69 5.69 -4.67
C TRP A 538 -8.62 6.26 -3.74
N ASP A 539 -7.39 6.36 -4.24
CA ASP A 539 -6.27 6.94 -3.51
C ASP A 539 -6.18 8.41 -3.89
N ALA A 540 -6.54 9.30 -2.96
CA ALA A 540 -6.60 10.71 -3.30
C ALA A 540 -5.20 11.31 -3.42
N LYS A 541 -4.23 10.74 -2.71
CA LYS A 541 -2.87 11.26 -2.77
C LYS A 541 -2.23 10.96 -4.13
N GLU A 542 -2.35 9.72 -4.59
CA GLU A 542 -1.77 9.32 -5.87
C GLU A 542 -2.76 9.37 -7.02
N ARG A 543 -4.02 9.70 -6.77
CA ARG A 543 -5.02 9.87 -7.82
C ARG A 543 -5.11 8.62 -8.70
N LEU A 544 -5.51 7.52 -8.07
CA LEU A 544 -5.76 6.28 -8.80
C LEU A 544 -6.52 5.33 -7.89
N PHE A 545 -7.14 4.32 -8.50
CA PHE A 545 -7.82 3.27 -7.77
C PHE A 545 -6.82 2.18 -7.39
N ARG A 546 -6.78 1.83 -6.11
CA ARG A 546 -5.90 0.77 -5.62
C ARG A 546 -6.48 -0.63 -5.85
N ASN A 547 -7.74 -0.73 -6.26
CA ASN A 547 -8.33 -1.97 -6.77
C ASN A 547 -8.07 -1.94 -8.28
N PHE A 548 -6.87 -2.41 -8.66
CA PHE A 548 -6.34 -2.10 -9.98
C PHE A 548 -7.15 -2.72 -11.10
N GLY A 549 -7.72 -3.91 -10.88
CA GLY A 549 -8.49 -4.53 -11.93
C GLY A 549 -9.95 -4.10 -12.01
N GLY A 550 -10.38 -3.20 -11.14
CA GLY A 550 -11.80 -2.83 -11.11
C GLY A 550 -12.70 -3.98 -10.77
N LEU A 551 -12.25 -4.89 -9.91
CA LEU A 551 -13.03 -6.07 -9.54
C LEU A 551 -14.13 -5.66 -8.59
N LEU A 552 -15.38 -5.95 -8.97
CA LEU A 552 -16.55 -5.45 -8.26
C LEU A 552 -17.58 -6.56 -8.12
N GLY A 553 -18.23 -6.57 -6.96
CA GLY A 553 -19.36 -7.45 -6.72
C GLY A 553 -20.62 -6.66 -6.47
N PRO A 554 -21.74 -7.37 -6.32
CA PRO A 554 -23.03 -6.68 -6.17
C PRO A 554 -23.15 -5.83 -4.91
N MET A 555 -22.32 -6.09 -3.89
CA MET A 555 -22.38 -5.33 -2.65
C MET A 555 -21.31 -4.24 -2.59
N ASP A 556 -20.59 -4.01 -3.69
CA ASP A 556 -19.61 -2.94 -3.72
C ASP A 556 -20.30 -1.61 -4.02
N GLU A 557 -19.65 -0.52 -3.56
CA GLU A 557 -20.15 0.83 -3.76
C GLU A 557 -19.22 1.54 -4.73
N PRO A 558 -19.50 1.50 -6.03
CA PRO A 558 -18.51 1.98 -7.01
C PRO A 558 -18.35 3.49 -6.94
N VAL A 559 -17.19 3.94 -7.40
CA VAL A 559 -16.83 5.35 -7.43
C VAL A 559 -16.52 5.72 -8.88
N GLY A 560 -17.05 6.85 -9.33
CA GLY A 560 -16.82 7.33 -10.68
C GLY A 560 -15.79 8.46 -10.66
N MET A 561 -14.77 8.31 -11.50
CA MET A 561 -13.69 9.28 -11.60
C MET A 561 -13.59 9.81 -13.02
N GLN A 562 -13.23 11.09 -13.13
CA GLN A 562 -12.96 11.74 -14.41
C GLN A 562 -11.62 12.45 -14.34
N LYS A 563 -10.88 12.41 -15.44
CA LYS A 563 -9.59 13.09 -15.57
C LYS A 563 -9.71 14.18 -16.61
N TRP A 564 -9.24 15.38 -16.27
CA TRP A 564 -9.45 16.56 -17.10
C TRP A 564 -8.14 17.25 -17.43
N GLY A 565 -8.06 17.81 -18.63
CA GLY A 565 -7.00 18.71 -18.99
C GLY A 565 -7.39 20.16 -18.75
N LYS A 566 -6.45 21.05 -19.00
CA LYS A 566 -6.66 22.47 -18.74
C LYS A 566 -7.75 23.01 -19.67
N GLY A 567 -8.25 24.20 -19.32
CA GLY A 567 -9.25 24.88 -20.13
C GLY A 567 -10.26 25.61 -19.28
N PRO A 568 -11.05 26.50 -19.89
CA PRO A 568 -12.06 27.24 -19.13
C PRO A 568 -12.96 26.32 -18.31
N ASN A 569 -13.55 26.86 -17.25
CA ASN A 569 -14.44 26.05 -16.42
C ASN A 569 -15.63 25.57 -17.24
N VAL A 570 -16.16 24.40 -16.88
CA VAL A 570 -17.26 23.77 -17.61
C VAL A 570 -18.02 22.87 -16.66
N THR A 571 -19.29 22.62 -16.98
CA THR A 571 -20.15 21.73 -16.22
C THR A 571 -20.62 20.59 -17.13
N VAL A 572 -20.70 19.39 -16.55
CA VAL A 572 -21.08 18.20 -17.31
C VAL A 572 -22.08 17.38 -16.49
N THR A 573 -22.74 16.45 -17.18
CA THR A 573 -23.73 15.56 -16.58
C THR A 573 -23.20 14.14 -16.61
N VAL A 574 -23.33 13.43 -15.50
CA VAL A 574 -22.95 12.02 -15.40
C VAL A 574 -24.23 11.20 -15.21
N ILE A 575 -24.31 10.06 -15.90
CA ILE A 575 -25.46 9.18 -15.82
C ILE A 575 -24.96 7.74 -15.64
N TRP A 576 -25.48 7.06 -14.64
CA TRP A 576 -25.14 5.67 -14.35
C TRP A 576 -26.27 4.77 -14.84
N VAL A 577 -25.93 3.80 -15.71
CA VAL A 577 -26.90 2.93 -16.35
C VAL A 577 -26.61 1.49 -15.93
N ASP A 578 -27.63 0.78 -15.44
CA ASP A 578 -27.41 -0.58 -14.99
C ASP A 578 -27.62 -1.55 -16.15
N PRO A 579 -27.40 -2.86 -15.95
CA PRO A 579 -27.33 -3.78 -17.09
C PRO A 579 -28.64 -4.02 -17.82
N VAL A 580 -29.79 -3.56 -17.33
CA VAL A 580 -31.03 -3.68 -18.08
C VAL A 580 -31.57 -2.28 -18.38
N ASN A 581 -30.65 -1.31 -18.51
CA ASN A 581 -30.93 0.06 -18.94
C ASN A 581 -31.66 0.90 -17.90
N VAL A 582 -31.73 0.45 -16.64
CA VAL A 582 -32.29 1.29 -15.59
C VAL A 582 -31.29 2.40 -15.26
N ILE A 583 -31.76 3.64 -15.27
CA ILE A 583 -30.92 4.77 -14.95
C ILE A 583 -30.87 4.90 -13.43
N ALA A 584 -29.71 4.61 -12.83
CA ALA A 584 -29.60 4.55 -11.39
C ALA A 584 -29.29 5.90 -10.75
N ALA A 585 -28.58 6.79 -11.45
CA ALA A 585 -28.22 8.07 -10.87
C ALA A 585 -27.86 9.06 -11.97
N THR A 586 -28.19 10.32 -11.72
CA THR A 586 -27.83 11.43 -12.60
C THR A 586 -27.43 12.62 -11.75
N TYR A 587 -26.39 13.33 -12.17
CA TYR A 587 -25.96 14.53 -11.46
C TYR A 587 -25.04 15.34 -12.35
N ASP A 588 -25.06 16.65 -12.13
CA ASP A 588 -24.12 17.57 -12.75
C ASP A 588 -22.95 17.81 -11.80
N ILE A 589 -21.81 18.15 -12.39
CA ILE A 589 -20.61 18.46 -11.62
C ILE A 589 -19.90 19.63 -12.29
N LEU A 590 -19.41 20.58 -11.48
CA LEU A 590 -18.62 21.67 -12.00
C LEU A 590 -17.17 21.22 -12.17
N ILE A 591 -16.59 21.55 -13.31
CA ILE A 591 -15.18 21.24 -13.58
C ILE A 591 -14.45 22.58 -13.63
N GLU A 592 -13.86 22.97 -12.52
CA GLU A 592 -13.12 24.22 -12.45
C GLU A 592 -11.96 24.21 -13.43
N SER A 593 -11.53 25.41 -13.83
CA SER A 593 -10.45 25.53 -14.80
C SER A 593 -9.17 24.85 -14.32
N THR A 594 -8.97 24.77 -13.00
CA THR A 594 -7.79 24.16 -12.43
C THR A 594 -7.97 22.68 -12.09
N ALA A 595 -9.18 22.16 -12.22
CA ALA A 595 -9.44 20.78 -11.83
C ALA A 595 -8.71 19.80 -12.75
N GLU A 596 -8.07 18.80 -12.15
CA GLU A 596 -7.39 17.74 -12.88
C GLU A 596 -8.08 16.39 -12.73
N PHE A 597 -8.65 16.11 -11.56
CA PHE A 597 -9.42 14.91 -11.32
C PHE A 597 -10.68 15.29 -10.55
N THR A 598 -11.76 14.56 -10.82
CA THR A 598 -12.98 14.65 -10.03
C THR A 598 -13.51 13.25 -9.83
N HIS A 599 -14.23 13.05 -8.73
CA HIS A 599 -14.78 11.74 -8.46
C HIS A 599 -15.95 11.89 -7.50
N TYR A 600 -16.77 10.85 -7.42
CA TYR A 600 -17.97 10.90 -6.62
C TYR A 600 -18.54 9.49 -6.47
N LYS A 601 -18.96 9.16 -5.26
CA LYS A 601 -19.53 7.85 -4.95
C LYS A 601 -21.05 7.98 -4.82
N PRO A 602 -21.83 7.74 -5.89
CA PRO A 602 -23.27 7.93 -5.78
C PRO A 602 -23.88 6.95 -4.78
N PRO A 603 -24.91 7.37 -4.04
CA PRO A 603 -25.50 6.47 -3.02
C PRO A 603 -26.48 5.48 -3.62
N LEU A 604 -25.93 4.37 -4.12
CA LEU A 604 -26.71 3.35 -4.81
C LEU A 604 -27.13 2.28 -3.83
N ASN A 605 -28.44 2.09 -3.68
CA ASN A 605 -28.96 0.99 -2.87
C ASN A 605 -28.39 -0.33 -3.36
N LEU A 606 -28.14 -1.23 -2.42
CA LEU A 606 -27.52 -2.52 -2.68
C LEU A 606 -28.54 -3.64 -2.55
N PRO A 607 -28.31 -4.78 -3.20
CA PRO A 607 -27.18 -5.04 -4.10
C PRO A 607 -27.39 -4.47 -5.50
N LEU A 608 -26.29 -4.16 -6.19
CA LEU A 608 -26.36 -3.74 -7.57
C LEU A 608 -26.72 -4.94 -8.45
N ARG A 609 -27.56 -4.70 -9.46
CA ARG A 609 -27.87 -5.75 -10.42
C ARG A 609 -26.59 -6.18 -11.14
N PRO A 610 -26.27 -7.48 -11.19
CA PRO A 610 -25.05 -7.90 -11.87
C PRO A 610 -25.12 -7.67 -13.38
N GLY A 611 -23.93 -7.54 -13.98
CA GLY A 611 -23.80 -7.37 -15.40
C GLY A 611 -22.96 -6.15 -15.73
N VAL A 612 -23.00 -5.76 -16.99
CA VAL A 612 -22.18 -4.66 -17.49
C VAL A 612 -22.97 -3.36 -17.34
N TRP A 613 -22.50 -2.50 -16.43
CA TRP A 613 -23.03 -1.15 -16.28
C TRP A 613 -22.34 -0.21 -17.25
N THR A 614 -22.98 0.92 -17.51
CA THR A 614 -22.39 1.98 -18.32
C THR A 614 -22.49 3.30 -17.58
N VAL A 615 -21.44 4.10 -17.67
CA VAL A 615 -21.44 5.47 -17.15
C VAL A 615 -21.22 6.41 -18.32
N LYS A 616 -22.13 7.35 -18.51
CA LYS A 616 -22.09 8.29 -19.63
C LYS A 616 -21.85 9.70 -19.11
N ILE A 617 -21.10 10.48 -19.87
CA ILE A 617 -20.87 11.89 -19.59
C ILE A 617 -21.45 12.70 -20.73
N LEU A 618 -22.30 13.66 -20.41
CA LEU A 618 -22.95 14.52 -21.38
C LEU A 618 -22.61 15.97 -21.10
N HIS A 619 -22.69 16.80 -22.14
CA HIS A 619 -22.52 18.24 -22.03
C HIS A 619 -23.72 18.88 -22.72
N HIS A 620 -24.73 19.23 -21.93
CA HIS A 620 -25.98 19.77 -22.46
C HIS A 620 -26.65 18.75 -23.39
N TRP A 621 -26.76 17.51 -22.90
CA TRP A 621 -27.33 16.38 -23.61
C TRP A 621 -26.52 15.99 -24.84
N VAL A 622 -25.39 16.65 -25.10
CA VAL A 622 -24.47 16.26 -26.15
C VAL A 622 -23.57 15.16 -25.60
N PRO A 623 -23.57 13.95 -26.16
CA PRO A 623 -22.67 12.92 -25.65
C PRO A 623 -21.21 13.35 -25.73
N VAL A 624 -20.48 13.09 -24.65
CA VAL A 624 -19.05 13.38 -24.58
C VAL A 624 -18.23 12.10 -24.55
N ALA A 625 -18.55 11.19 -23.64
CA ALA A 625 -17.81 9.95 -23.52
C ALA A 625 -18.64 8.97 -22.70
N GLU A 626 -18.14 7.74 -22.60
CA GLU A 626 -18.77 6.73 -21.76
C GLU A 626 -17.72 5.69 -21.42
N THR A 627 -17.90 5.07 -20.26
CA THR A 627 -17.12 3.92 -19.85
C THR A 627 -18.08 2.83 -19.41
N LYS A 628 -17.53 1.65 -19.17
CA LYS A 628 -18.32 0.51 -18.73
C LYS A 628 -17.60 -0.17 -17.58
N PHE A 629 -18.35 -0.86 -16.73
CA PHE A 629 -17.75 -1.64 -15.65
C PHE A 629 -18.61 -2.84 -15.37
N LEU A 630 -18.01 -3.83 -14.70
CA LEU A 630 -18.63 -5.12 -14.49
C LEU A 630 -18.92 -5.32 -13.01
N VAL A 631 -20.20 -5.49 -12.68
CA VAL A 631 -20.60 -6.01 -11.38
C VAL A 631 -20.76 -7.53 -11.55
N ALA A 632 -19.84 -8.29 -11.01
CA ALA A 632 -19.88 -9.72 -11.26
C ALA A 632 -20.85 -10.40 -10.30
N PRO A 633 -21.65 -11.35 -10.79
CA PRO A 633 -22.34 -12.26 -9.86
C PRO A 633 -21.33 -13.16 -9.18
N LEU A 634 -21.58 -13.47 -7.91
CA LEU A 634 -20.66 -14.27 -7.11
C LEU A 634 -21.01 -15.74 -7.21
N THR A 635 -19.98 -16.58 -7.35
CA THR A 635 -20.15 -18.02 -7.29
C THR A 635 -19.78 -18.59 -5.93
N PHE A 636 -19.33 -17.74 -5.00
CA PHE A 636 -18.96 -18.17 -3.65
C PHE A 636 -19.67 -17.29 -2.63
N SER A 637 -20.13 -17.93 -1.56
CA SER A 637 -20.56 -17.23 -0.36
C SER A 637 -19.78 -17.81 0.81
N ASN A 638 -19.03 -16.94 1.51
CA ASN A 638 -18.15 -17.39 2.58
C ASN A 638 -17.17 -18.46 2.09
N ARG A 639 -16.69 -18.28 0.86
CA ARG A 639 -15.70 -19.14 0.22
C ARG A 639 -16.23 -20.54 -0.10
N GLN A 640 -17.55 -20.76 0.03
CA GLN A 640 -18.17 -22.00 -0.39
C GLN A 640 -19.12 -21.73 -1.56
N PRO A 641 -19.39 -22.73 -2.40
CA PRO A 641 -20.30 -22.50 -3.55
C PRO A 641 -21.61 -21.89 -3.10
N ILE A 642 -22.08 -20.90 -3.86
CA ILE A 642 -23.25 -20.13 -3.45
C ILE A 642 -24.50 -20.97 -3.63
N LYS A 643 -25.45 -20.83 -2.71
CA LYS A 643 -26.67 -21.61 -2.74
C LYS A 643 -27.82 -20.81 -3.32
N PRO A 644 -28.89 -21.48 -3.77
CA PRO A 644 -29.96 -20.77 -4.49
C PRO A 644 -30.55 -19.59 -3.76
N GLU A 645 -30.86 -19.72 -2.47
CA GLU A 645 -31.54 -18.63 -1.76
C GLU A 645 -30.61 -17.44 -1.58
N GLU A 646 -29.33 -17.67 -1.30
CA GLU A 646 -28.40 -16.56 -1.21
C GLU A 646 -28.13 -15.96 -2.59
N ALA A 647 -27.98 -16.80 -3.62
CA ALA A 647 -27.80 -16.29 -4.97
C ALA A 647 -28.97 -15.39 -5.37
N LEU A 648 -30.19 -15.80 -5.05
CA LEU A 648 -31.36 -15.01 -5.44
C LEU A 648 -31.38 -13.66 -4.74
N LYS A 649 -31.05 -13.64 -3.44
CA LYS A 649 -31.08 -12.39 -2.69
C LYS A 649 -29.96 -11.44 -3.10
N LEU A 650 -28.89 -11.96 -3.73
CA LEU A 650 -27.72 -11.15 -4.05
C LEU A 650 -27.69 -10.67 -5.50
N HIS A 651 -28.40 -11.35 -6.40
CA HIS A 651 -28.23 -11.14 -7.83
C HIS A 651 -29.46 -10.55 -8.51
N ASN A 652 -30.49 -10.19 -7.74
CA ASN A 652 -31.74 -9.71 -8.33
C ASN A 652 -31.93 -8.21 -8.14
N GLY A 653 -30.85 -7.47 -7.90
CA GLY A 653 -30.94 -6.03 -7.81
C GLY A 653 -31.33 -5.55 -6.42
N PRO A 654 -31.43 -4.23 -6.27
CA PRO A 654 -31.50 -3.65 -4.92
C PRO A 654 -32.79 -4.03 -4.20
N LEU A 655 -32.70 -4.02 -2.86
CA LEU A 655 -33.82 -4.43 -2.03
C LEU A 655 -35.06 -3.60 -2.32
N ARG A 656 -34.93 -2.27 -2.27
CA ARG A 656 -36.00 -1.42 -2.74
C ARG A 656 -36.20 -1.65 -4.25
N ASN A 657 -37.25 -1.03 -4.78
CA ASN A 657 -37.51 -1.17 -6.22
C ASN A 657 -36.38 -0.57 -7.04
N ALA A 658 -35.81 0.52 -6.57
CA ALA A 658 -34.85 1.31 -7.35
C ALA A 658 -33.54 1.45 -6.58
N TYR A 659 -32.58 2.13 -7.23
CA TYR A 659 -31.26 2.37 -6.66
C TYR A 659 -31.21 3.61 -5.80
N MET A 660 -32.18 4.52 -5.94
CA MET A 660 -32.13 5.83 -5.31
C MET A 660 -33.57 6.30 -5.10
N GLU A 661 -33.77 7.11 -4.07
CA GLU A 661 -35.12 7.64 -3.81
C GLU A 661 -35.68 8.28 -5.07
N GLN A 662 -34.89 9.14 -5.71
CA GLN A 662 -35.32 9.81 -6.93
C GLN A 662 -35.26 8.85 -8.11
N SER A 663 -36.31 8.86 -8.93
CA SER A 663 -36.37 8.05 -10.13
C SER A 663 -35.98 8.87 -11.35
N PHE A 664 -35.43 8.18 -12.35
CA PHE A 664 -35.03 8.81 -13.61
C PHE A 664 -35.67 8.13 -14.81
N GLN A 665 -36.80 7.44 -14.63
CA GLN A 665 -37.51 6.85 -15.76
C GLN A 665 -37.83 7.87 -16.83
N SER A 666 -37.84 9.17 -16.49
CA SER A 666 -38.10 10.21 -17.46
C SER A 666 -37.00 10.35 -18.51
N LEU A 667 -35.80 9.84 -18.23
CA LEU A 667 -34.67 10.06 -19.11
C LEU A 667 -34.40 8.90 -20.06
N ASN A 668 -34.99 7.73 -19.82
CA ASN A 668 -34.73 6.58 -20.70
C ASN A 668 -35.04 6.89 -22.16
N PRO A 669 -36.16 7.53 -22.50
CA PRO A 669 -36.37 7.90 -23.92
C PRO A 669 -35.46 9.02 -24.39
N VAL A 670 -35.13 9.98 -23.53
CA VAL A 670 -34.28 11.10 -23.94
C VAL A 670 -32.91 10.58 -24.40
N LEU A 671 -32.37 9.60 -23.70
CA LEU A 671 -31.03 9.09 -23.99
C LEU A 671 -31.05 7.81 -24.81
N SER A 672 -32.21 7.37 -25.27
CA SER A 672 -32.35 6.15 -26.09
C SER A 672 -31.84 4.92 -25.32
N LEU A 673 -32.33 4.75 -24.10
CA LEU A 673 -32.06 3.56 -23.28
C LEU A 673 -33.36 2.86 -22.93
N PRO A 674 -34.10 2.36 -23.92
CA PRO A 674 -35.34 1.66 -23.62
C PRO A 674 -35.07 0.38 -22.86
N ILE A 675 -36.05 -0.01 -22.03
CA ILE A 675 -35.94 -1.20 -21.19
C ILE A 675 -36.70 -2.32 -21.86
N ASN A 676 -36.00 -3.40 -22.19
CA ASN A 676 -36.58 -4.54 -22.87
C ASN A 676 -37.18 -5.50 -21.83
N PRO A 677 -38.47 -5.85 -21.92
CA PRO A 677 -39.00 -6.85 -21.00
C PRO A 677 -38.32 -8.21 -21.11
N ALA A 678 -37.81 -8.56 -22.29
CA ALA A 678 -37.17 -9.86 -22.47
C ALA A 678 -35.79 -9.92 -21.82
N GLN A 679 -35.07 -8.80 -21.78
CA GLN A 679 -33.82 -8.76 -21.03
C GLN A 679 -34.08 -8.72 -19.53
N VAL A 680 -35.01 -7.87 -19.10
CA VAL A 680 -35.36 -7.83 -17.68
C VAL A 680 -35.76 -9.21 -17.19
N GLU A 681 -36.52 -9.94 -18.01
CA GLU A 681 -36.94 -11.29 -17.61
C GLU A 681 -35.74 -12.23 -17.53
N GLN A 682 -34.88 -12.21 -18.55
CA GLN A 682 -33.69 -13.05 -18.53
C GLN A 682 -32.77 -12.73 -17.35
N ALA A 683 -32.86 -11.51 -16.80
CA ALA A 683 -32.03 -11.18 -15.64
C ALA A 683 -32.63 -11.72 -14.35
N ARG A 684 -33.95 -11.81 -14.26
CA ARG A 684 -34.59 -12.51 -13.15
C ARG A 684 -34.25 -13.99 -13.18
N ARG A 685 -34.29 -14.59 -14.38
CA ARG A 685 -33.90 -16.00 -14.52
C ARG A 685 -32.45 -16.20 -14.11
N ASN A 686 -31.58 -15.27 -14.49
CA ASN A 686 -30.17 -15.37 -14.11
C ASN A 686 -29.99 -15.27 -12.61
N ALA A 687 -30.82 -14.45 -11.95
CA ALA A 687 -30.64 -14.21 -10.52
C ALA A 687 -30.86 -15.48 -9.70
N ALA A 688 -31.65 -16.43 -10.21
CA ALA A 688 -31.94 -17.67 -9.49
C ALA A 688 -30.94 -18.78 -9.79
N SER A 689 -30.00 -18.56 -10.71
CA SER A 689 -29.13 -19.64 -11.16
C SER A 689 -28.01 -19.91 -10.16
N THR A 690 -27.61 -21.17 -10.09
CA THR A 690 -26.45 -21.60 -9.31
C THR A 690 -25.65 -22.56 -10.17
N GLY A 691 -24.55 -23.07 -9.61
CA GLY A 691 -23.83 -24.16 -10.25
C GLY A 691 -23.34 -23.80 -11.65
N THR A 692 -23.51 -24.75 -12.58
CA THR A 692 -22.98 -24.59 -13.92
C THR A 692 -23.64 -23.42 -14.64
N ALA A 693 -24.95 -23.24 -14.43
CA ALA A 693 -25.65 -22.15 -15.10
C ALA A 693 -25.12 -20.80 -14.64
N LEU A 694 -24.91 -20.64 -13.34
CA LEU A 694 -24.33 -19.39 -12.85
C LEU A 694 -22.91 -19.21 -13.37
N GLU A 695 -22.16 -20.31 -13.49
CA GLU A 695 -20.81 -20.22 -14.03
C GLU A 695 -20.81 -19.70 -15.47
N GLY A 696 -21.77 -20.17 -16.29
CA GLY A 696 -21.83 -19.71 -17.66
C GLY A 696 -22.25 -18.26 -17.79
N TRP A 697 -23.15 -17.81 -16.91
CA TRP A 697 -23.51 -16.39 -16.88
C TRP A 697 -22.32 -15.53 -16.52
N LEU A 698 -21.66 -15.83 -15.39
CA LEU A 698 -20.45 -15.10 -15.00
C LEU A 698 -19.41 -15.13 -16.12
N ASP A 699 -19.11 -16.32 -16.64
CA ASP A 699 -18.00 -16.45 -17.57
C ASP A 699 -18.27 -15.72 -18.88
N SER A 700 -19.54 -15.65 -19.32
CA SER A 700 -19.84 -14.86 -20.50
C SER A 700 -19.71 -13.37 -20.22
N LEU A 701 -20.04 -12.94 -19.01
CA LEU A 701 -19.81 -11.54 -18.63
C LEU A 701 -18.32 -11.23 -18.59
N VAL A 702 -17.54 -12.09 -17.93
CA VAL A 702 -16.11 -11.85 -17.79
C VAL A 702 -15.45 -11.81 -19.17
N GLY A 703 -15.73 -12.80 -20.00
CA GLY A 703 -15.17 -12.83 -21.34
C GLY A 703 -15.54 -11.63 -22.19
N GLY A 704 -16.66 -10.97 -21.87
CA GLY A 704 -17.02 -9.75 -22.57
C GLY A 704 -16.23 -8.54 -22.12
N MET A 705 -15.57 -8.61 -20.96
CA MET A 705 -14.82 -7.49 -20.43
C MET A 705 -13.34 -7.81 -20.21
N TRP A 706 -12.93 -9.05 -20.41
CA TRP A 706 -11.56 -9.48 -20.18
C TRP A 706 -11.13 -10.38 -21.33
N THR A 707 -9.83 -10.39 -21.59
CA THR A 707 -9.23 -11.20 -22.64
C THR A 707 -8.14 -12.06 -22.02
N ALA A 708 -8.19 -13.37 -22.26
CA ALA A 708 -7.08 -14.24 -21.92
C ALA A 708 -6.01 -14.03 -22.98
N MET A 709 -4.98 -13.25 -22.63
CA MET A 709 -3.94 -12.90 -23.58
C MET A 709 -3.05 -14.09 -23.90
N ASP A 710 -2.73 -14.90 -22.90
CA ASP A 710 -1.81 -16.01 -23.11
C ASP A 710 -1.93 -16.94 -21.91
N ILE A 711 -1.41 -18.15 -22.09
CA ILE A 711 -1.35 -19.13 -21.02
C ILE A 711 -0.11 -19.99 -21.25
N CYS A 712 0.62 -20.26 -20.17
CA CYS A 712 1.86 -21.02 -20.22
C CYS A 712 1.82 -22.10 -19.16
N ALA A 713 2.65 -23.13 -19.35
CA ALA A 713 2.81 -24.17 -18.34
C ALA A 713 4.10 -23.93 -17.57
N THR A 714 4.05 -24.19 -16.26
CA THR A 714 5.24 -24.02 -15.43
C THR A 714 6.19 -25.20 -15.56
N GLY A 715 5.66 -26.39 -15.83
CA GLY A 715 6.48 -27.56 -16.01
C GLY A 715 6.08 -28.34 -17.25
N PRO A 716 6.19 -29.66 -17.22
CA PRO A 716 5.88 -30.44 -18.41
C PRO A 716 4.40 -30.32 -18.76
N THR A 717 4.12 -30.23 -20.06
CA THR A 717 2.75 -30.12 -20.54
C THR A 717 2.57 -31.03 -21.74
N ALA A 718 1.35 -31.54 -21.89
CA ALA A 718 0.98 -32.33 -23.05
C ALA A 718 0.30 -31.50 -24.13
N CYS A 719 0.06 -30.21 -23.88
CA CYS A 719 -0.52 -29.32 -24.88
C CYS A 719 0.60 -28.80 -25.77
N PRO A 720 0.62 -29.17 -27.06
CA PRO A 720 1.80 -28.89 -27.89
C PRO A 720 1.98 -27.44 -28.30
N VAL A 721 1.08 -26.53 -27.93
CA VAL A 721 1.18 -25.12 -28.29
C VAL A 721 1.37 -24.24 -27.07
N MET A 722 1.56 -24.84 -25.90
CA MET A 722 1.74 -24.11 -24.65
C MET A 722 3.22 -23.87 -24.42
N GLN A 723 3.60 -22.60 -24.27
CA GLN A 723 4.98 -22.26 -23.97
C GLN A 723 5.26 -22.48 -22.49
N THR A 724 6.53 -22.70 -22.17
CA THR A 724 6.96 -22.82 -20.78
C THR A 724 7.05 -21.42 -20.17
N CYS A 725 6.49 -21.27 -18.96
CA CYS A 725 6.34 -19.93 -18.39
C CYS A 725 7.66 -19.18 -18.34
N SER A 726 8.73 -19.85 -17.88
CA SER A 726 10.02 -19.17 -17.75
C SER A 726 10.55 -18.63 -19.07
N GLN A 727 10.04 -19.12 -20.20
CA GLN A 727 10.50 -18.69 -21.51
C GLN A 727 9.64 -17.58 -22.12
N THR A 728 8.57 -17.18 -21.44
CA THR A 728 7.77 -16.04 -21.89
C THR A 728 8.40 -14.73 -21.41
N ALA A 729 7.88 -13.62 -21.94
CA ALA A 729 8.28 -12.31 -21.47
C ALA A 729 7.40 -11.78 -20.35
N TRP A 730 6.22 -12.38 -20.15
CA TRP A 730 5.19 -11.81 -19.29
C TRP A 730 5.00 -12.55 -17.97
N SER A 731 5.44 -13.79 -17.88
CA SER A 731 5.10 -14.61 -16.72
C SER A 731 5.89 -14.18 -15.48
N SER A 732 5.27 -14.38 -14.32
CA SER A 732 5.96 -14.16 -13.06
C SER A 732 7.08 -15.16 -12.85
N PHE A 733 7.17 -16.19 -13.69
CA PHE A 733 8.27 -17.14 -13.69
C PHE A 733 9.40 -16.74 -14.64
N SER A 734 9.19 -15.74 -15.48
CA SER A 734 10.23 -15.34 -16.43
C SER A 734 11.33 -14.56 -15.71
N PRO A 735 12.51 -14.45 -16.31
CA PRO A 735 13.64 -13.82 -15.60
C PRO A 735 13.38 -12.35 -15.32
N ASP A 736 13.75 -11.94 -14.11
CA ASP A 736 13.58 -10.56 -13.65
C ASP A 736 14.83 -10.14 -12.89
N PRO A 737 15.96 -10.02 -13.60
CA PRO A 737 17.25 -9.84 -12.93
C PRO A 737 17.32 -8.64 -12.00
N LYS A 738 16.63 -7.55 -12.33
CA LYS A 738 16.72 -6.34 -11.51
C LYS A 738 16.25 -6.58 -10.07
N SER A 739 15.46 -7.63 -9.83
CA SER A 739 14.97 -7.93 -8.50
C SER A 739 15.51 -9.26 -7.96
N GLU A 740 16.44 -9.88 -8.67
CA GLU A 740 16.98 -11.18 -8.28
C GLU A 740 18.28 -10.98 -7.52
N LEU A 741 18.46 -11.77 -6.46
CA LEU A 741 19.58 -11.64 -5.53
C LEU A 741 20.47 -12.87 -5.66
N GLY A 742 21.73 -12.66 -6.03
CA GLY A 742 22.64 -13.77 -6.22
C GLY A 742 23.83 -13.76 -5.29
N ALA A 743 24.95 -14.27 -5.79
CA ALA A 743 26.16 -14.36 -4.99
C ALA A 743 26.78 -12.97 -4.81
N VAL A 744 27.40 -12.78 -3.64
CA VAL A 744 28.10 -11.53 -3.37
C VAL A 744 29.34 -11.46 -4.25
N LYS A 745 29.54 -10.31 -4.89
CA LYS A 745 30.66 -10.12 -5.81
C LYS A 745 31.92 -9.77 -5.04
N PRO A 746 33.08 -9.84 -5.70
CA PRO A 746 34.34 -9.53 -4.98
C PRO A 746 34.38 -8.14 -4.40
N ASP A 747 33.71 -7.16 -5.02
CA ASP A 747 33.65 -5.82 -4.44
C ASP A 747 32.68 -5.74 -3.27
N GLY A 748 32.07 -6.85 -2.86
CA GLY A 748 31.18 -6.87 -1.72
C GLY A 748 29.74 -6.52 -2.03
N ARG A 749 29.39 -6.37 -3.30
CA ARG A 749 28.08 -5.87 -3.71
C ARG A 749 27.28 -6.97 -4.38
N LEU A 750 25.95 -6.77 -4.42
CA LEU A 750 25.07 -7.60 -5.22
C LEU A 750 24.67 -6.93 -6.52
N ARG A 751 24.79 -5.61 -6.59
CA ARG A 751 24.33 -4.83 -7.73
C ARG A 751 25.48 -4.57 -8.69
N GLU B 4 8.01 19.30 8.58
CA GLU B 4 8.61 18.01 8.29
C GLU B 4 7.88 16.87 9.00
N TYR B 5 6.82 17.21 9.72
CA TYR B 5 6.08 16.26 10.54
C TYR B 5 4.79 15.86 9.84
N SER B 6 4.23 14.71 10.26
CA SER B 6 3.11 14.10 9.56
C SER B 6 1.74 14.40 10.15
N GLY B 7 1.69 14.96 11.37
CA GLY B 7 0.40 15.26 11.98
C GLY B 7 -0.19 16.54 11.40
N GLY B 8 -1.50 16.51 11.19
CA GLY B 8 -2.20 17.65 10.63
C GLY B 8 -3.43 18.04 11.41
N GLY B 9 -3.32 18.11 12.74
CA GLY B 9 -4.40 18.57 13.58
C GLY B 9 -5.50 17.54 13.76
N GLN B 10 -6.47 17.92 14.58
CA GLN B 10 -7.67 17.12 14.80
C GLN B 10 -8.68 17.35 13.69
NA NA C . 21.00 -14.56 7.64
#